data_5CYP
#
_entry.id   5CYP
#
_cell.length_a   74.587
_cell.length_b   79.156
_cell.length_c   108.217
_cell.angle_alpha   90.000
_cell.angle_beta   100.380
_cell.angle_gamma   90.000
#
_symmetry.space_group_name_H-M   'P 1 21 1'
#
loop_
_entity.id
_entity.type
_entity.pdbx_description
1 polymer Septin-9
2 non-polymer "5'-GUANOSINE-DIPHOSPHATE-MONOTHIOPHOSPHATE"
3 non-polymer 'MAGNESIUM ION'
#
_entity_poly.entity_id   1
_entity_poly.type   'polypeptide(L)'
_entity_poly.pdbx_seq_one_letter_code
;MKQGFEFNIMVVGQSGLGKSTLINTLFKSKISRKSVQPTSEERIPKTIEIKSITHDIEEKGVRMKLTVIDTPGFGDHINN
ENCWQPIMKFINDQYEKYLQEEVNINRKKRIPDTRVHCCLYFIPATGHSLRPLDIEFMKRLSKVVNIVPVIAKADTLTLE
ERVHFKQRITADLLSNGIDVYPQKEFDEDSEDRLVNEKFREMIPFAVVGSDHEYQVNGKRILGRKTKWGTIEVENTTHCE
FAYLRDLLIRTHMQNIKDITSSIHFEAYRVKRLN
;
_entity_poly.pdbx_strand_id   A,B,C,D
#
loop_
_chem_comp.id
_chem_comp.type
_chem_comp.name
_chem_comp.formula
GSP non-polymer 5'-GUANOSINE-DIPHOSPHATE-MONOTHIOPHOSPHATE 'C10 H16 N5 O13 P3 S'
MG non-polymer 'MAGNESIUM ION' 'Mg 2'
#
# COMPACT_ATOMS: atom_id res chain seq x y z
N MET A 1 -16.49 -24.26 -51.07
CA MET A 1 -15.65 -24.18 -52.26
C MET A 1 -14.21 -23.91 -51.89
N LYS A 2 -13.62 -24.80 -51.09
CA LYS A 2 -12.22 -24.70 -50.70
C LYS A 2 -11.63 -26.08 -50.51
N GLN A 3 -10.34 -26.15 -50.24
CA GLN A 3 -9.68 -27.43 -50.07
C GLN A 3 -9.03 -27.56 -48.69
N GLY A 4 -8.92 -28.80 -48.22
CA GLY A 4 -8.42 -29.09 -46.88
C GLY A 4 -6.92 -29.30 -46.76
N PHE A 5 -6.25 -28.42 -46.02
CA PHE A 5 -4.83 -28.57 -45.78
C PHE A 5 -4.58 -28.93 -44.31
N GLU A 6 -3.87 -30.02 -44.11
CA GLU A 6 -3.61 -30.53 -42.76
C GLU A 6 -2.42 -29.83 -42.13
N PHE A 7 -2.47 -29.67 -40.80
CA PHE A 7 -1.37 -29.06 -40.06
C PHE A 7 -1.38 -29.58 -38.63
N ASN A 8 -0.23 -30.04 -38.17
CA ASN A 8 -0.13 -30.67 -36.86
C ASN A 8 0.82 -29.95 -35.91
N ILE A 9 0.28 -29.49 -34.78
CA ILE A 9 1.07 -28.82 -33.76
C ILE A 9 1.09 -29.64 -32.48
N MET A 10 2.28 -29.88 -31.96
CA MET A 10 2.44 -30.61 -30.70
C MET A 10 2.97 -29.71 -29.60
N VAL A 11 2.28 -29.69 -28.46
CA VAL A 11 2.75 -28.91 -27.32
C VAL A 11 3.56 -29.80 -26.37
N VAL A 12 4.72 -29.31 -25.99
CA VAL A 12 5.63 -30.07 -25.13
C VAL A 12 6.22 -29.15 -24.05
N GLY A 13 6.34 -29.68 -22.83
CA GLY A 13 6.88 -28.90 -21.73
C GLY A 13 6.65 -29.53 -20.37
N GLN A 14 7.18 -28.90 -19.33
CA GLN A 14 7.04 -29.40 -17.97
C GLN A 14 5.61 -29.27 -17.45
N SER A 15 5.35 -29.95 -16.33
CA SER A 15 4.01 -30.00 -15.76
C SER A 15 3.52 -28.64 -15.27
N GLY A 16 2.33 -28.26 -15.70
CA GLY A 16 1.68 -27.06 -15.22
C GLY A 16 2.17 -25.77 -15.85
N LEU A 17 2.67 -25.85 -17.07
CA LEU A 17 3.17 -24.67 -17.77
C LEU A 17 2.11 -24.01 -18.65
N GLY A 18 0.90 -24.58 -18.66
CA GLY A 18 -0.19 -24.00 -19.42
C GLY A 18 -0.28 -24.53 -20.84
N LYS A 19 0.19 -25.76 -21.04
CA LYS A 19 0.16 -26.37 -22.36
C LYS A 19 -1.26 -26.62 -22.83
N SER A 20 -2.05 -27.29 -22.01
CA SER A 20 -3.44 -27.58 -22.34
C SER A 20 -4.26 -26.30 -22.45
N THR A 21 -3.95 -25.34 -21.57
CA THR A 21 -4.65 -24.07 -21.54
C THR A 21 -4.43 -23.28 -22.83
N LEU A 22 -3.24 -23.44 -23.43
CA LEU A 22 -2.93 -22.73 -24.66
C LEU A 22 -3.66 -23.35 -25.84
N ILE A 23 -3.91 -24.66 -25.75
CA ILE A 23 -4.58 -25.38 -26.82
C ILE A 23 -6.02 -24.89 -26.98
N ASN A 24 -6.75 -24.87 -25.86
CA ASN A 24 -8.12 -24.38 -25.87
C ASN A 24 -8.17 -22.90 -26.21
N THR A 25 -7.12 -22.18 -25.84
CA THR A 25 -6.99 -20.77 -26.19
C THR A 25 -6.85 -20.62 -27.71
N LEU A 26 -6.00 -21.46 -28.29
CA LEU A 26 -5.74 -21.43 -29.72
C LEU A 26 -6.96 -21.79 -30.56
N PHE A 27 -7.74 -22.77 -30.09
CA PHE A 27 -8.93 -23.20 -30.82
C PHE A 27 -10.10 -22.24 -30.61
N LYS A 28 -10.18 -21.64 -29.42
CA LYS A 28 -11.24 -20.68 -29.12
C LYS A 28 -10.90 -19.30 -29.63
N SER A 29 -10.07 -19.25 -30.67
CA SER A 29 -9.67 -18.00 -31.28
C SER A 29 -10.05 -18.00 -32.77
N LYS A 30 -10.82 -19.01 -33.16
CA LYS A 30 -11.22 -19.17 -34.54
C LYS A 30 -12.73 -19.03 -34.71
N ARG A 43 -11.91 -26.15 -14.40
CA ARG A 43 -10.56 -26.69 -14.25
C ARG A 43 -10.21 -27.67 -15.37
N ILE A 44 -9.12 -27.38 -16.07
CA ILE A 44 -8.59 -28.33 -17.04
C ILE A 44 -7.87 -29.43 -16.28
N PRO A 45 -8.31 -30.68 -16.45
CA PRO A 45 -7.73 -31.79 -15.70
C PRO A 45 -6.26 -32.04 -16.04
N LYS A 46 -5.58 -32.82 -15.22
CA LYS A 46 -4.18 -33.16 -15.43
C LYS A 46 -4.03 -34.08 -16.64
N THR A 47 -3.17 -33.69 -17.58
CA THR A 47 -2.96 -34.46 -18.79
C THR A 47 -2.12 -35.70 -18.51
N ILE A 48 -2.75 -36.86 -18.55
CA ILE A 48 -2.07 -38.11 -18.21
C ILE A 48 -1.70 -38.91 -19.46
N GLU A 49 -2.42 -38.67 -20.55
CA GLU A 49 -2.16 -39.38 -21.80
C GLU A 49 -2.03 -38.43 -22.98
N ILE A 50 -1.30 -38.86 -24.00
CA ILE A 50 -1.17 -38.09 -25.24
C ILE A 50 -2.48 -38.06 -26.00
N LYS A 51 -3.00 -36.86 -26.25
CA LYS A 51 -4.28 -36.69 -26.91
C LYS A 51 -4.20 -35.76 -28.11
N SER A 52 -4.69 -36.24 -29.25
CA SER A 52 -4.77 -35.42 -30.44
C SER A 52 -6.14 -34.75 -30.51
N ILE A 53 -6.15 -33.46 -30.79
CA ILE A 53 -7.41 -32.72 -30.92
C ILE A 53 -7.50 -32.03 -32.26
N THR A 54 -8.54 -32.34 -33.02
CA THR A 54 -8.67 -31.85 -34.39
C THR A 54 -9.94 -31.04 -34.60
N HIS A 55 -9.81 -29.90 -35.25
CA HIS A 55 -10.94 -29.05 -35.60
C HIS A 55 -10.71 -28.38 -36.95
N ASP A 56 -11.73 -28.35 -37.79
CA ASP A 56 -11.63 -27.71 -39.09
C ASP A 56 -11.88 -26.22 -38.98
N ILE A 57 -10.91 -25.44 -39.43
CA ILE A 57 -11.00 -23.98 -39.37
C ILE A 57 -10.78 -23.36 -40.75
N GLU A 58 -11.57 -22.34 -41.06
CA GLU A 58 -11.47 -21.66 -42.36
C GLU A 58 -10.84 -20.28 -42.20
N GLU A 59 -9.50 -20.23 -42.29
CA GLU A 59 -8.77 -18.98 -42.16
C GLU A 59 -8.96 -18.11 -43.40
N GLY A 61 -10.66 -18.08 -46.13
CA GLY A 61 -10.56 -18.37 -47.56
C GLY A 61 -10.35 -19.85 -47.84
N VAL A 62 -9.45 -20.47 -47.07
CA VAL A 62 -9.14 -21.87 -47.25
C VAL A 62 -9.31 -22.64 -45.94
N ARG A 63 -9.82 -23.85 -46.05
CA ARG A 63 -10.05 -24.72 -44.88
C ARG A 63 -8.78 -25.46 -44.45
N MET A 64 -8.52 -25.45 -43.15
CA MET A 64 -7.37 -26.15 -42.61
C MET A 64 -7.81 -27.15 -41.55
N LYS A 65 -7.21 -28.34 -41.59
CA LYS A 65 -7.53 -29.39 -40.63
C LYS A 65 -6.51 -29.39 -39.51
N LEU A 66 -6.67 -28.45 -38.59
CA LEU A 66 -5.73 -28.26 -37.49
C LEU A 66 -5.82 -29.36 -36.44
N THR A 67 -4.69 -30.02 -36.18
CA THR A 67 -4.62 -31.01 -35.12
C THR A 67 -3.59 -30.59 -34.07
N VAL A 68 -4.03 -30.49 -32.82
CA VAL A 68 -3.13 -30.15 -31.74
C VAL A 68 -2.95 -31.35 -30.80
N ILE A 69 -1.70 -31.75 -30.60
CA ILE A 69 -1.40 -32.92 -29.77
C ILE A 69 -0.92 -32.52 -28.38
N ASP A 70 -1.74 -32.80 -27.38
CA ASP A 70 -1.41 -32.49 -26.00
C ASP A 70 -0.54 -33.58 -25.39
N THR A 71 0.44 -33.18 -24.58
CA THR A 71 1.35 -34.14 -23.97
C THR A 71 1.40 -33.98 -22.45
N PRO A 72 1.58 -35.09 -21.73
CA PRO A 72 1.77 -35.03 -20.27
C PRO A 72 3.09 -34.35 -19.92
N GLY A 73 3.07 -33.50 -18.90
CA GLY A 73 4.27 -32.78 -18.49
C GLY A 73 5.38 -33.69 -17.97
N PHE A 74 6.62 -33.27 -18.17
CA PHE A 74 7.77 -34.00 -17.67
C PHE A 74 8.54 -33.16 -16.65
N GLY A 75 9.67 -33.67 -16.20
CA GLY A 75 10.50 -32.97 -15.23
C GLY A 75 9.94 -33.07 -13.83
N ASP A 76 8.96 -33.94 -13.66
CA ASP A 76 8.29 -34.11 -12.37
C ASP A 76 8.88 -35.25 -11.55
N HIS A 77 9.61 -36.14 -12.21
CA HIS A 77 10.17 -37.31 -11.54
C HIS A 77 11.64 -37.12 -11.18
N ILE A 78 12.24 -38.17 -10.61
CA ILE A 78 13.66 -38.14 -10.27
C ILE A 78 14.50 -38.49 -11.49
N ASN A 79 13.94 -39.34 -12.35
CA ASN A 79 14.56 -39.68 -13.62
C ASN A 79 13.59 -39.39 -14.77
N ASN A 80 14.05 -38.63 -15.76
CA ASN A 80 13.15 -38.10 -16.78
C ASN A 80 13.40 -38.65 -18.18
N GLU A 81 14.27 -39.65 -18.28
CA GLU A 81 14.49 -40.34 -19.54
C GLU A 81 13.23 -41.10 -19.92
N ASN A 82 12.52 -41.61 -18.92
CA ASN A 82 11.26 -42.31 -19.11
C ASN A 82 10.11 -41.37 -19.45
N CYS A 83 10.39 -40.07 -19.46
CA CYS A 83 9.40 -39.08 -19.82
C CYS A 83 9.68 -38.55 -21.23
N TRP A 84 10.94 -38.56 -21.62
CA TRP A 84 11.36 -38.08 -22.93
C TRP A 84 11.13 -39.15 -23.99
N GLN A 85 10.83 -40.37 -23.57
CA GLN A 85 10.66 -41.50 -24.48
C GLN A 85 9.27 -41.60 -25.13
N PRO A 86 8.17 -41.46 -24.34
CA PRO A 86 6.86 -41.61 -24.98
C PRO A 86 6.56 -40.58 -26.07
N ILE A 87 7.16 -39.39 -25.97
CA ILE A 87 6.93 -38.34 -26.96
C ILE A 87 7.72 -38.62 -28.23
N MET A 88 8.95 -39.11 -28.07
CA MET A 88 9.78 -39.48 -29.22
C MET A 88 9.16 -40.64 -30.00
N LYS A 89 8.47 -41.54 -29.29
CA LYS A 89 7.83 -42.67 -29.94
C LYS A 89 6.62 -42.23 -30.77
N PHE A 90 5.84 -41.31 -30.22
CA PHE A 90 4.67 -40.79 -30.92
C PHE A 90 5.07 -40.11 -32.23
N ILE A 91 6.13 -39.30 -32.16
CA ILE A 91 6.63 -38.60 -33.34
C ILE A 91 7.06 -39.58 -34.43
N ASN A 92 7.88 -40.56 -34.06
CA ASN A 92 8.39 -41.55 -35.01
C ASN A 92 7.31 -42.49 -35.53
N ASP A 93 6.28 -42.74 -34.72
CA ASP A 93 5.17 -43.60 -35.14
C ASP A 93 4.38 -42.94 -36.26
N GLN A 94 4.25 -41.62 -36.19
CA GLN A 94 3.57 -40.88 -37.26
C GLN A 94 4.44 -40.90 -38.50
N TYR A 95 5.76 -40.83 -38.30
CA TYR A 95 6.71 -40.98 -39.39
C TYR A 95 6.67 -42.39 -39.94
N GLU A 96 6.29 -43.35 -39.08
CA GLU A 96 6.19 -44.74 -39.47
C GLU A 96 4.89 -45.02 -40.22
N LYS A 97 3.80 -44.45 -39.72
CA LYS A 97 2.48 -44.61 -40.34
C LYS A 97 2.44 -44.01 -41.74
N TYR A 98 3.21 -42.94 -41.94
CA TYR A 98 3.26 -42.28 -43.23
C TYR A 98 4.15 -43.05 -44.21
N LEU A 99 5.17 -43.71 -43.68
CA LEU A 99 6.11 -44.46 -44.51
C LEU A 99 5.53 -45.80 -44.95
N GLN A 100 4.66 -46.36 -44.13
CA GLN A 100 4.05 -47.65 -44.45
C GLN A 100 2.97 -47.47 -45.53
N GLU A 101 2.57 -46.23 -45.76
CA GLU A 101 1.61 -45.93 -46.81
C GLU A 101 2.30 -45.48 -48.09
N GLU A 102 3.56 -45.04 -47.98
CA GLU A 102 4.33 -44.66 -49.14
C GLU A 102 4.92 -45.88 -49.84
N VAL A 103 5.31 -46.88 -49.05
CA VAL A 103 5.77 -48.15 -49.59
C VAL A 103 4.62 -49.03 -50.05
N ASN A 104 3.40 -48.62 -49.69
CA ASN A 104 2.19 -49.38 -49.99
C ASN A 104 1.82 -49.22 -51.47
N ILE A 105 2.39 -50.07 -52.32
CA ILE A 105 2.25 -49.92 -53.76
C ILE A 105 0.82 -50.08 -54.28
N ASN A 106 -0.07 -50.59 -53.44
CA ASN A 106 -1.46 -50.79 -53.82
C ASN A 106 -2.32 -49.54 -53.59
N ARG A 107 -1.80 -48.61 -52.78
CA ARG A 107 -2.54 -47.41 -52.39
C ARG A 107 -2.81 -46.41 -53.52
N LYS A 108 -4.08 -46.21 -53.82
CA LYS A 108 -4.52 -45.25 -54.84
C LYS A 108 -4.87 -43.88 -54.27
N LYS A 109 -4.89 -43.77 -52.94
CA LYS A 109 -5.40 -42.58 -52.26
C LYS A 109 -4.32 -41.68 -51.66
N ARG A 110 -4.70 -40.45 -51.33
CA ARG A 110 -3.78 -39.51 -50.71
C ARG A 110 -3.41 -40.04 -49.32
N ILE A 111 -2.19 -39.75 -48.89
CA ILE A 111 -1.76 -40.19 -47.57
C ILE A 111 -2.20 -39.16 -46.54
N PRO A 112 -2.89 -39.61 -45.49
CA PRO A 112 -3.27 -38.67 -44.43
C PRO A 112 -2.06 -38.31 -43.58
N ASP A 113 -1.79 -37.01 -43.45
CA ASP A 113 -0.59 -36.55 -42.75
C ASP A 113 -0.85 -36.37 -41.27
N THR A 114 -0.38 -37.31 -40.47
CA THR A 114 -0.53 -37.24 -39.02
C THR A 114 0.82 -36.93 -38.38
N ARG A 115 1.81 -36.69 -39.25
CA ARG A 115 3.15 -36.36 -38.80
C ARG A 115 3.15 -35.02 -38.09
N VAL A 116 3.95 -34.91 -37.03
CA VAL A 116 4.08 -33.64 -36.32
C VAL A 116 4.91 -32.67 -37.16
N HIS A 117 4.25 -31.64 -37.68
CA HIS A 117 4.94 -30.65 -38.50
C HIS A 117 5.68 -29.65 -37.59
N CYS A 118 4.97 -29.18 -36.57
CA CYS A 118 5.50 -28.16 -35.68
C CYS A 118 5.33 -28.58 -34.22
N CYS A 119 6.29 -28.24 -33.38
CA CYS A 119 6.23 -28.61 -31.97
C CYS A 119 6.62 -27.45 -31.06
N LEU A 120 5.62 -26.91 -30.34
CA LEU A 120 5.88 -25.86 -29.36
C LEU A 120 6.55 -26.43 -28.11
N TYR A 121 7.65 -25.81 -27.69
CA TYR A 121 8.32 -26.23 -26.48
C TYR A 121 8.17 -25.15 -25.40
N PHE A 122 7.58 -25.54 -24.28
CA PHE A 122 7.28 -24.61 -23.19
C PHE A 122 8.43 -24.47 -22.20
N ILE A 123 8.96 -23.24 -22.11
CA ILE A 123 10.03 -22.93 -21.16
C ILE A 123 9.50 -22.25 -19.92
N PRO A 124 9.77 -22.82 -18.74
CA PRO A 124 9.34 -22.23 -17.47
C PRO A 124 10.03 -20.90 -17.19
N ALA A 125 9.25 -19.90 -16.78
CA ALA A 125 9.79 -18.57 -16.56
C ALA A 125 10.61 -18.49 -15.27
N THR A 126 11.78 -19.12 -15.28
CA THR A 126 12.67 -19.10 -14.13
C THR A 126 13.43 -17.78 -14.06
N GLY A 127 13.56 -17.12 -15.20
CA GLY A 127 14.28 -15.85 -15.28
C GLY A 127 15.78 -16.03 -15.34
N HIS A 128 16.22 -17.26 -15.54
CA HIS A 128 17.65 -17.56 -15.64
C HIS A 128 17.94 -18.42 -16.86
N SER A 129 19.18 -18.90 -16.94
CA SER A 129 19.60 -19.75 -18.05
C SER A 129 18.77 -21.04 -18.12
N LEU A 130 18.73 -21.64 -19.30
CA LEU A 130 18.01 -22.90 -19.49
C LEU A 130 18.61 -24.00 -18.63
N ARG A 131 17.73 -24.81 -18.05
CA ARG A 131 18.13 -25.94 -17.23
C ARG A 131 18.54 -27.10 -18.13
N PRO A 132 19.51 -27.92 -17.67
CA PRO A 132 20.02 -29.08 -18.41
C PRO A 132 18.93 -29.99 -18.99
N LEU A 133 17.77 -30.04 -18.33
CA LEU A 133 16.66 -30.86 -18.80
C LEU A 133 16.11 -30.37 -20.14
N ASP A 134 15.72 -29.10 -20.18
CA ASP A 134 15.14 -28.52 -21.38
C ASP A 134 16.15 -28.47 -22.53
N ILE A 135 17.41 -28.25 -22.19
CA ILE A 135 18.48 -28.23 -23.18
C ILE A 135 18.59 -29.57 -23.90
N GLU A 136 18.69 -30.64 -23.12
CA GLU A 136 18.81 -31.99 -23.66
C GLU A 136 17.56 -32.41 -24.40
N PHE A 137 16.40 -31.98 -23.91
CA PHE A 137 15.12 -32.34 -24.51
C PHE A 137 14.95 -31.68 -25.88
N MET A 138 15.23 -30.39 -25.96
CA MET A 138 15.11 -29.66 -27.22
C MET A 138 16.14 -30.12 -28.26
N LYS A 139 17.30 -30.56 -27.80
CA LYS A 139 18.33 -31.05 -28.72
C LYS A 139 17.86 -32.32 -29.41
N ARG A 140 17.13 -33.15 -28.68
CA ARG A 140 16.55 -34.36 -29.25
C ARG A 140 15.44 -34.02 -30.23
N LEU A 141 14.56 -33.12 -29.82
CA LEU A 141 13.38 -32.77 -30.61
C LEU A 141 13.75 -32.06 -31.92
N SER A 142 14.72 -31.16 -31.85
CA SER A 142 15.14 -30.40 -33.04
C SER A 142 15.70 -31.31 -34.12
N LYS A 143 16.20 -32.47 -33.71
CA LYS A 143 16.79 -33.43 -34.63
C LYS A 143 15.75 -34.24 -35.39
N VAL A 144 14.50 -34.18 -34.94
CA VAL A 144 13.44 -35.00 -35.55
C VAL A 144 12.18 -34.21 -35.88
N VAL A 145 12.14 -32.94 -35.48
CA VAL A 145 10.95 -32.12 -35.71
C VAL A 145 11.26 -30.63 -35.56
N ASN A 146 10.42 -29.79 -36.15
CA ASN A 146 10.57 -28.35 -36.01
C ASN A 146 10.04 -27.86 -34.66
N ILE A 147 10.93 -27.29 -33.86
CA ILE A 147 10.55 -26.80 -32.54
C ILE A 147 10.45 -25.27 -32.52
N VAL A 148 9.43 -24.78 -31.84
CA VAL A 148 9.30 -23.35 -31.59
C VAL A 148 9.21 -23.12 -30.09
N PRO A 149 10.31 -22.65 -29.48
CA PRO A 149 10.39 -22.46 -28.04
C PRO A 149 9.48 -21.33 -27.56
N VAL A 150 8.82 -21.54 -26.44
CA VAL A 150 7.86 -20.58 -25.91
C VAL A 150 8.08 -20.31 -24.43
N ILE A 151 7.89 -19.06 -24.01
CA ILE A 151 7.96 -18.71 -22.60
C ILE A 151 6.60 -18.96 -21.95
N ALA A 152 6.49 -20.07 -21.24
CA ALA A 152 5.25 -20.44 -20.57
C ALA A 152 4.87 -19.42 -19.50
N LYS A 153 3.59 -19.04 -19.47
CA LYS A 153 3.08 -18.09 -18.50
C LYS A 153 3.90 -16.80 -18.48
N ALA A 154 3.89 -16.08 -19.61
CA ALA A 154 4.71 -14.88 -19.77
C ALA A 154 4.22 -13.72 -18.90
N ASP A 155 3.04 -13.87 -18.31
CA ASP A 155 2.51 -12.87 -17.39
C ASP A 155 3.23 -12.92 -16.04
N THR A 156 3.99 -13.99 -15.82
CA THR A 156 4.78 -14.15 -14.61
C THR A 156 5.87 -13.07 -14.53
N LEU A 157 6.43 -12.71 -15.67
CA LEU A 157 7.56 -11.79 -15.73
C LEU A 157 7.14 -10.35 -16.01
N THR A 158 7.98 -9.41 -15.61
CA THR A 158 7.77 -8.00 -15.92
C THR A 158 8.24 -7.71 -17.34
N LEU A 159 8.03 -6.48 -17.80
CA LEU A 159 8.47 -6.09 -19.14
C LEU A 159 9.98 -6.16 -19.28
N GLU A 160 10.69 -5.68 -18.27
CA GLU A 160 12.15 -5.72 -18.25
C GLU A 160 12.69 -7.15 -18.21
N GLU A 161 12.10 -7.96 -17.35
CA GLU A 161 12.53 -9.35 -17.17
C GLU A 161 12.31 -10.19 -18.42
N ARG A 162 11.23 -9.91 -19.15
CA ARG A 162 10.91 -10.66 -20.37
C ARG A 162 11.99 -10.44 -21.42
N VAL A 163 12.48 -9.20 -21.51
CA VAL A 163 13.53 -8.85 -22.45
C VAL A 163 14.83 -9.56 -22.09
N HIS A 164 15.16 -9.56 -20.80
CA HIS A 164 16.37 -10.22 -20.32
C HIS A 164 16.29 -11.73 -20.48
N PHE A 165 15.10 -12.30 -20.28
CA PHE A 165 14.91 -13.74 -20.38
C PHE A 165 15.03 -14.20 -21.83
N LYS A 166 14.42 -13.45 -22.74
CA LYS A 166 14.49 -13.73 -24.17
C LYS A 166 15.93 -13.72 -24.66
N GLN A 167 16.70 -12.73 -24.22
CA GLN A 167 18.09 -12.59 -24.62
C GLN A 167 18.90 -13.81 -24.17
N ARG A 168 18.56 -14.36 -23.02
CA ARG A 168 19.29 -15.48 -22.44
C ARG A 168 18.93 -16.81 -23.11
N ILE A 169 17.65 -17.02 -23.36
CA ILE A 169 17.17 -18.22 -24.04
C ILE A 169 17.81 -18.32 -25.43
N THR A 170 17.85 -17.19 -26.12
CA THR A 170 18.47 -17.09 -27.44
C THR A 170 19.92 -17.58 -27.41
N ALA A 171 20.67 -17.13 -26.40
CA ALA A 171 22.07 -17.53 -26.26
C ALA A 171 22.23 -19.02 -26.04
N ASP A 172 21.30 -19.63 -25.31
CA ASP A 172 21.35 -21.09 -25.07
C ASP A 172 21.11 -21.93 -26.31
N LEU A 173 20.11 -21.55 -27.10
CA LEU A 173 19.79 -22.27 -28.34
C LEU A 173 21.01 -22.20 -29.25
N LEU A 174 21.62 -21.03 -29.31
CA LEU A 174 22.82 -20.83 -30.10
C LEU A 174 24.04 -21.59 -29.56
N SER A 175 24.29 -21.46 -28.26
CA SER A 175 25.47 -22.09 -27.65
C SER A 175 25.35 -23.62 -27.58
N ASN A 176 24.12 -24.11 -27.45
CA ASN A 176 23.89 -25.56 -27.39
C ASN A 176 23.63 -26.16 -28.76
N GLY A 177 23.69 -25.32 -29.79
CA GLY A 177 23.49 -25.77 -31.16
C GLY A 177 22.10 -26.29 -31.42
N ILE A 178 21.12 -25.79 -30.67
CA ILE A 178 19.73 -26.19 -30.86
C ILE A 178 19.12 -25.44 -32.03
N ASP A 179 18.94 -26.13 -33.15
CA ASP A 179 18.39 -25.52 -34.34
C ASP A 179 16.87 -25.48 -34.28
N VAL A 180 16.32 -24.28 -34.09
CA VAL A 180 14.88 -24.10 -34.02
C VAL A 180 14.33 -23.51 -35.32
N TYR A 181 13.05 -23.70 -35.57
CA TYR A 181 12.41 -23.11 -36.74
C TYR A 181 12.25 -21.61 -36.54
N PRO A 182 12.57 -20.82 -37.59
CA PRO A 182 13.11 -21.30 -38.86
C PRO A 182 14.63 -21.43 -38.84
N GLN A 183 15.12 -22.63 -39.13
CA GLN A 183 16.55 -22.88 -39.16
C GLN A 183 17.22 -21.98 -40.19
N LYS A 184 18.33 -21.35 -39.80
CA LYS A 184 19.04 -20.40 -40.65
C LYS A 184 19.58 -21.05 -41.92
N GLU A 185 19.89 -22.34 -41.86
CA GLU A 185 20.45 -23.06 -42.99
C GLU A 185 19.42 -23.29 -44.12
N PHE A 186 18.18 -22.88 -43.89
CA PHE A 186 17.12 -23.09 -44.86
C PHE A 186 16.56 -21.80 -45.45
N ASP A 187 17.24 -20.68 -45.21
CA ASP A 187 16.83 -19.40 -45.77
C ASP A 187 17.27 -19.26 -47.23
N GLU A 188 16.30 -18.99 -48.11
CA GLU A 188 16.56 -18.92 -49.54
C GLU A 188 17.21 -17.61 -49.98
N ASP A 189 16.41 -16.55 -50.03
CA ASP A 189 16.91 -15.24 -50.47
C ASP A 189 16.70 -14.16 -49.41
N SER A 190 16.89 -12.91 -49.80
CA SER A 190 16.80 -11.78 -48.87
C SER A 190 15.38 -11.53 -48.36
N GLU A 191 14.39 -11.77 -49.22
CA GLU A 191 13.00 -11.55 -48.84
C GLU A 191 12.53 -12.68 -47.93
N ASP A 192 13.09 -13.87 -48.14
CA ASP A 192 12.81 -15.02 -47.30
C ASP A 192 13.48 -14.87 -45.94
N ARG A 193 14.66 -14.25 -45.93
CA ARG A 193 15.43 -14.08 -44.71
C ARG A 193 14.81 -13.04 -43.78
N LEU A 194 14.27 -11.96 -44.36
CA LEU A 194 13.71 -10.87 -43.59
C LEU A 194 12.50 -11.35 -42.77
N VAL A 195 11.63 -12.11 -43.42
CA VAL A 195 10.44 -12.64 -42.76
C VAL A 195 10.84 -13.67 -41.71
N ASN A 196 11.91 -14.39 -41.98
CA ASN A 196 12.42 -15.38 -41.03
C ASN A 196 13.10 -14.74 -39.83
N GLU A 197 13.79 -13.63 -40.07
CA GLU A 197 14.42 -12.88 -38.99
C GLU A 197 13.38 -12.33 -38.02
N LYS A 198 12.29 -11.82 -38.57
CA LYS A 198 11.21 -11.28 -37.76
C LYS A 198 10.59 -12.35 -36.86
N PHE A 199 10.68 -13.61 -37.32
CA PHE A 199 10.20 -14.74 -36.53
C PHE A 199 11.20 -15.10 -35.43
N ARG A 200 12.48 -15.17 -35.79
CA ARG A 200 13.52 -15.58 -34.85
C ARG A 200 13.72 -14.56 -33.74
N GLU A 201 13.43 -13.30 -34.03
CA GLU A 201 13.54 -12.24 -33.04
C GLU A 201 12.48 -12.38 -31.96
N MET A 202 11.42 -13.13 -32.26
CA MET A 202 10.32 -13.34 -31.33
C MET A 202 10.59 -14.53 -30.41
N ILE A 203 11.43 -15.45 -30.87
CA ILE A 203 11.81 -16.62 -30.08
C ILE A 203 12.65 -16.22 -28.88
N PRO A 204 12.27 -16.69 -27.67
CA PRO A 204 11.11 -17.53 -27.39
C PRO A 204 9.82 -16.73 -27.26
N PHE A 205 8.77 -17.15 -27.96
CA PHE A 205 7.49 -16.45 -27.95
C PHE A 205 6.90 -16.36 -26.54
N ALA A 206 6.50 -15.17 -26.15
CA ALA A 206 5.90 -14.95 -24.84
C ALA A 206 4.38 -15.13 -24.90
N VAL A 207 3.92 -16.31 -24.54
CA VAL A 207 2.49 -16.63 -24.64
C VAL A 207 1.80 -16.60 -23.28
N VAL A 208 0.48 -16.43 -23.31
CA VAL A 208 -0.33 -16.43 -22.10
C VAL A 208 -1.63 -17.18 -22.34
N GLY A 209 -1.91 -18.19 -21.52
CA GLY A 209 -3.15 -18.94 -21.63
C GLY A 209 -4.34 -18.08 -21.22
N SER A 210 -5.51 -18.40 -21.76
CA SER A 210 -6.71 -17.60 -21.50
C SER A 210 -7.53 -18.17 -20.35
N ASP A 211 -7.64 -17.40 -19.27
CA ASP A 211 -8.49 -17.79 -18.14
C ASP A 211 -9.90 -17.26 -18.35
N HIS A 212 -10.83 -18.17 -18.65
CA HIS A 212 -12.23 -17.84 -18.87
C HIS A 212 -12.41 -16.86 -20.04
N GLU A 213 -13.49 -16.10 -20.00
CA GLU A 213 -13.81 -15.14 -21.06
C GLU A 213 -14.64 -13.98 -20.53
N ILE A 221 -13.69 -11.17 -24.59
CA ILE A 221 -12.28 -11.28 -24.91
C ILE A 221 -11.60 -12.37 -24.09
N LEU A 222 -10.74 -13.15 -24.74
CA LEU A 222 -9.97 -14.18 -24.05
C LEU A 222 -8.93 -13.53 -23.14
N GLY A 223 -9.26 -13.42 -21.86
CA GLY A 223 -8.42 -12.70 -20.92
C GLY A 223 -7.74 -13.52 -19.86
N ARG A 224 -6.94 -12.85 -19.04
CA ARG A 224 -6.23 -13.48 -17.93
C ARG A 224 -6.18 -12.54 -16.74
N LYS A 225 -6.86 -12.92 -15.66
CA LYS A 225 -6.93 -12.08 -14.46
C LYS A 225 -5.57 -11.91 -13.79
N THR A 230 -6.37 -7.28 -15.88
CA THR A 230 -6.72 -8.30 -16.86
C THR A 230 -5.74 -8.28 -18.04
N ILE A 231 -5.58 -9.42 -18.69
CA ILE A 231 -4.58 -9.57 -19.75
C ILE A 231 -5.19 -10.21 -20.99
N GLU A 232 -5.40 -9.41 -22.03
CA GLU A 232 -5.91 -9.92 -23.31
C GLU A 232 -4.85 -10.72 -24.05
N VAL A 233 -5.06 -12.03 -24.14
CA VAL A 233 -4.09 -12.92 -24.77
C VAL A 233 -3.98 -12.66 -26.27
N GLU A 234 -5.04 -12.18 -26.88
CA GLU A 234 -5.06 -11.91 -28.32
C GLU A 234 -4.44 -10.56 -28.66
N ASN A 235 -4.02 -9.83 -27.64
CA ASN A 235 -3.39 -8.52 -27.85
C ASN A 235 -1.89 -8.70 -28.12
N THR A 236 -1.39 -7.99 -29.12
CA THR A 236 0.01 -8.11 -29.52
C THR A 236 0.96 -7.37 -28.59
N THR A 237 0.42 -6.45 -27.80
CA THR A 237 1.24 -5.66 -26.89
C THR A 237 1.33 -6.29 -25.50
N HIS A 238 0.27 -6.98 -25.11
CA HIS A 238 0.23 -7.64 -23.81
C HIS A 238 1.09 -8.91 -23.82
N CYS A 239 0.87 -9.75 -24.82
CA CYS A 239 1.71 -10.93 -25.01
C CYS A 239 1.91 -11.18 -26.51
N GLU A 240 2.54 -12.30 -26.84
CA GLU A 240 2.89 -12.58 -28.24
C GLU A 240 2.18 -13.80 -28.82
N PHE A 241 1.07 -14.21 -28.21
CA PHE A 241 0.35 -15.38 -28.66
C PHE A 241 -0.34 -15.12 -30.00
N ALA A 242 -0.84 -13.89 -30.16
CA ALA A 242 -1.51 -13.49 -31.40
C ALA A 242 -0.54 -13.59 -32.58
N TYR A 243 0.69 -13.14 -32.37
CA TYR A 243 1.72 -13.22 -33.41
C TYR A 243 2.08 -14.67 -33.72
N LEU A 244 2.29 -15.47 -32.68
CA LEU A 244 2.67 -16.87 -32.84
C LEU A 244 1.65 -17.67 -33.62
N ARG A 245 0.37 -17.46 -33.30
CA ARG A 245 -0.72 -18.16 -33.97
C ARG A 245 -0.74 -17.86 -35.47
N ASP A 246 -0.80 -16.58 -35.82
CA ASP A 246 -0.85 -16.16 -37.21
C ASP A 246 0.38 -16.59 -38.00
N LEU A 247 1.55 -16.48 -37.39
CA LEU A 247 2.78 -16.89 -38.05
C LEU A 247 2.77 -18.38 -38.37
N LEU A 248 2.35 -19.20 -37.42
CA LEU A 248 2.35 -20.65 -37.60
C LEU A 248 1.22 -21.15 -38.51
N ILE A 249 0.07 -20.49 -38.45
CA ILE A 249 -1.10 -20.95 -39.19
C ILE A 249 -1.16 -20.35 -40.59
N ARG A 250 -0.83 -19.07 -40.70
CA ARG A 250 -0.91 -18.37 -41.99
C ARG A 250 0.45 -18.25 -42.68
N THR A 251 1.34 -17.47 -42.08
CA THR A 251 2.60 -17.10 -42.72
C THR A 251 3.58 -18.26 -42.93
N HIS A 252 3.87 -19.00 -41.87
CA HIS A 252 4.93 -20.02 -41.93
C HIS A 252 4.40 -21.45 -42.08
N MET A 253 3.10 -21.59 -42.28
CA MET A 253 2.46 -22.90 -42.29
C MET A 253 3.03 -23.85 -43.34
N GLN A 254 3.02 -23.43 -44.60
CA GLN A 254 3.47 -24.29 -45.69
C GLN A 254 4.97 -24.55 -45.66
N ASN A 255 5.74 -23.57 -45.20
CA ASN A 255 7.19 -23.73 -45.12
C ASN A 255 7.58 -24.76 -44.07
N ILE A 256 6.84 -24.80 -42.97
CA ILE A 256 7.07 -25.79 -41.92
C ILE A 256 6.83 -27.20 -42.46
N LYS A 257 5.71 -27.38 -43.16
CA LYS A 257 5.36 -28.69 -43.71
C LYS A 257 6.40 -29.15 -44.73
N ASP A 258 6.90 -28.22 -45.54
CA ASP A 258 7.89 -28.54 -46.55
C ASP A 258 9.19 -29.02 -45.93
N ILE A 259 9.58 -28.40 -44.81
CA ILE A 259 10.79 -28.79 -44.10
C ILE A 259 10.56 -30.09 -43.33
N THR A 260 9.33 -30.27 -42.84
CA THR A 260 8.99 -31.50 -42.12
C THR A 260 9.07 -32.71 -43.06
N SER A 261 8.65 -32.51 -44.29
CA SER A 261 8.63 -33.59 -45.28
C SER A 261 10.01 -33.84 -45.89
N SER A 262 10.58 -32.80 -46.51
CA SER A 262 11.81 -32.96 -47.27
C SER A 262 13.05 -33.16 -46.41
N ILE A 263 13.00 -32.70 -45.16
CA ILE A 263 14.18 -32.78 -44.29
C ILE A 263 14.01 -33.77 -43.14
N HIS A 264 13.05 -33.50 -42.26
CA HIS A 264 12.86 -34.30 -41.05
C HIS A 264 12.34 -35.71 -41.34
N PHE A 265 11.39 -35.81 -42.26
CA PHE A 265 10.80 -37.11 -42.57
C PHE A 265 11.76 -37.97 -43.38
N GLU A 266 12.53 -37.33 -44.26
CA GLU A 266 13.50 -38.04 -45.07
C GLU A 266 14.64 -38.57 -44.21
N ALA A 267 14.94 -37.85 -43.13
CA ALA A 267 15.94 -38.31 -42.18
C ALA A 267 15.48 -39.60 -41.52
N TYR A 268 14.18 -39.69 -41.28
CA TYR A 268 13.59 -40.91 -40.71
C TYR A 268 13.55 -42.04 -41.73
N ARG A 269 13.21 -41.72 -42.98
CA ARG A 269 13.11 -42.71 -44.04
C ARG A 269 14.44 -43.42 -44.26
N VAL A 270 15.53 -42.64 -44.28
CA VAL A 270 16.86 -43.17 -44.53
C VAL A 270 17.33 -44.09 -43.40
N LYS A 271 16.97 -43.75 -42.16
CA LYS A 271 17.36 -44.55 -41.01
C LYS A 271 16.73 -45.94 -41.05
N ARG A 272 15.44 -45.99 -41.32
CA ARG A 272 14.70 -47.26 -41.34
C ARG A 272 15.01 -48.06 -42.60
N LYS B 2 17.09 -7.83 26.77
CA LYS B 2 17.62 -7.78 25.41
C LYS B 2 18.72 -8.81 25.20
N GLN B 3 18.34 -10.02 24.81
CA GLN B 3 19.30 -11.10 24.60
C GLN B 3 19.23 -11.62 23.17
N GLY B 4 20.35 -12.15 22.69
CA GLY B 4 20.45 -12.63 21.33
C GLY B 4 19.92 -14.04 21.17
N PHE B 5 18.83 -14.19 20.43
CA PHE B 5 18.26 -15.51 20.19
C PHE B 5 18.44 -15.91 18.73
N GLU B 6 19.04 -17.08 18.52
CA GLU B 6 19.34 -17.57 17.18
C GLU B 6 18.14 -18.26 16.53
N PHE B 7 18.03 -18.13 15.22
CA PHE B 7 16.97 -18.78 14.46
C PHE B 7 17.41 -18.97 13.00
N ASN B 8 17.26 -20.18 12.49
CA ASN B 8 17.76 -20.52 11.16
C ASN B 8 16.65 -20.98 10.21
N ILE B 9 16.49 -20.25 9.11
CA ILE B 9 15.50 -20.61 8.09
C ILE B 9 16.18 -20.99 6.78
N MET B 10 15.80 -22.15 6.23
CA MET B 10 16.34 -22.60 4.95
C MET B 10 15.26 -22.64 3.86
N VAL B 11 15.53 -21.99 2.74
CA VAL B 11 14.63 -22.04 1.60
C VAL B 11 15.04 -23.10 0.59
N VAL B 12 14.08 -23.94 0.19
CA VAL B 12 14.33 -25.02 -0.76
C VAL B 12 13.19 -25.10 -1.78
N GLY B 13 13.53 -25.42 -3.01
CA GLY B 13 12.54 -25.53 -4.06
C GLY B 13 13.16 -25.62 -5.43
N GLN B 14 12.33 -25.78 -6.45
CA GLN B 14 12.81 -25.91 -7.82
C GLN B 14 13.39 -24.59 -8.32
N SER B 15 14.12 -24.67 -9.43
CA SER B 15 14.82 -23.50 -9.97
C SER B 15 13.86 -22.42 -10.46
N GLY B 16 14.08 -21.19 -10.01
CA GLY B 16 13.33 -20.05 -10.49
C GLY B 16 11.97 -19.86 -9.86
N LEU B 17 11.83 -20.31 -8.61
CA LEU B 17 10.57 -20.18 -7.89
C LEU B 17 10.51 -18.91 -7.04
N GLY B 18 11.59 -18.12 -7.06
CA GLY B 18 11.61 -16.87 -6.34
C GLY B 18 12.13 -17.03 -4.92
N LYS B 19 12.97 -18.03 -4.71
CA LYS B 19 13.52 -18.31 -3.40
C LYS B 19 14.45 -17.20 -2.91
N SER B 20 15.41 -16.83 -3.74
CA SER B 20 16.36 -15.77 -3.39
C SER B 20 15.68 -14.42 -3.23
N THR B 21 14.68 -14.17 -4.07
CA THR B 21 13.94 -12.91 -4.04
C THR B 21 13.19 -12.73 -2.73
N LEU B 22 12.77 -13.84 -2.13
CA LEU B 22 12.02 -13.78 -0.87
C LEU B 22 12.93 -13.47 0.31
N ILE B 23 14.19 -13.86 0.20
CA ILE B 23 15.14 -13.69 1.31
C ILE B 23 15.47 -12.23 1.61
N ASN B 24 15.90 -11.46 0.60
CA ASN B 24 16.19 -10.05 0.81
C ASN B 24 14.91 -9.27 1.11
N THR B 25 13.79 -9.79 0.60
CA THR B 25 12.48 -9.25 0.90
C THR B 25 12.17 -9.42 2.39
N LEU B 26 12.48 -10.60 2.90
CA LEU B 26 12.23 -10.95 4.29
C LEU B 26 13.06 -10.07 5.24
N PHE B 27 14.29 -9.78 4.83
CA PHE B 27 15.19 -8.99 5.65
C PHE B 27 14.85 -7.50 5.62
N LYS B 28 14.31 -7.06 4.49
CA LYS B 28 13.95 -5.64 4.32
C LYS B 28 12.59 -5.37 4.94
N ARG B 43 19.22 -7.42 -11.05
CA ARG B 43 19.00 -8.83 -11.29
C ARG B 43 19.68 -9.70 -10.23
N ILE B 44 18.91 -10.54 -9.56
CA ILE B 44 19.48 -11.53 -8.66
C ILE B 44 20.04 -12.69 -9.46
N PRO B 45 21.34 -12.94 -9.33
CA PRO B 45 22.02 -13.99 -10.10
C PRO B 45 21.53 -15.39 -9.75
N LYS B 46 21.88 -16.36 -10.60
CA LYS B 46 21.51 -17.75 -10.38
C LYS B 46 22.26 -18.34 -9.19
N THR B 47 21.51 -18.90 -8.24
CA THR B 47 22.08 -19.46 -7.02
C THR B 47 22.76 -20.81 -7.28
N ILE B 48 24.09 -20.81 -7.24
CA ILE B 48 24.86 -22.01 -7.55
C ILE B 48 25.38 -22.74 -6.32
N GLU B 49 25.53 -22.01 -5.22
CA GLU B 49 26.04 -22.61 -3.98
C GLU B 49 25.16 -22.30 -2.78
N ILE B 50 25.21 -23.18 -1.78
CA ILE B 50 24.51 -22.95 -0.52
C ILE B 50 25.17 -21.80 0.25
N LYS B 51 24.40 -20.75 0.51
CA LYS B 51 24.93 -19.57 1.17
C LYS B 51 24.11 -19.18 2.39
N SER B 52 24.79 -18.99 3.52
CA SER B 52 24.13 -18.52 4.74
C SER B 52 24.20 -17.00 4.83
N ILE B 53 23.08 -16.38 5.18
CA ILE B 53 23.00 -14.94 5.32
C ILE B 53 22.51 -14.57 6.72
N THR B 54 23.30 -13.80 7.45
CA THR B 54 22.99 -13.49 8.85
C THR B 54 22.83 -11.99 9.10
N HIS B 55 21.77 -11.63 9.81
CA HIS B 55 21.52 -10.25 10.19
C HIS B 55 20.89 -10.15 11.58
N ASP B 56 21.33 -9.19 12.37
CA ASP B 56 20.77 -8.95 13.69
C ASP B 56 19.52 -8.08 13.56
N ILE B 57 18.40 -8.56 14.07
CA ILE B 57 17.14 -7.84 13.98
C ILE B 57 16.53 -7.60 15.36
N GLU B 58 16.02 -6.39 15.57
CA GLU B 58 15.41 -6.02 16.84
C GLU B 58 13.89 -5.95 16.72
N LYS B 60 10.73 -6.29 16.33
CA LYS B 60 10.16 -5.14 17.03
C LYS B 60 10.06 -5.41 18.53
N GLY B 61 9.97 -6.68 18.90
CA GLY B 61 9.82 -7.06 20.30
C GLY B 61 11.05 -7.69 20.91
N VAL B 62 11.67 -8.60 20.18
CA VAL B 62 12.85 -9.30 20.68
C VAL B 62 14.03 -9.22 19.72
N ARG B 63 15.24 -9.11 20.25
CA ARG B 63 16.43 -9.05 19.42
C ARG B 63 16.82 -10.46 19.03
N MET B 64 16.92 -10.70 17.72
CA MET B 64 17.24 -12.02 17.18
C MET B 64 18.36 -12.04 16.15
N LYS B 65 19.18 -13.10 16.19
CA LYS B 65 20.24 -13.28 15.21
C LYS B 65 19.77 -14.19 14.08
N LEU B 66 18.98 -13.62 13.16
CA LEU B 66 18.36 -14.37 12.06
C LEU B 66 19.33 -14.80 10.96
N THR B 67 19.35 -16.08 10.67
CA THR B 67 20.14 -16.62 9.56
C THR B 67 19.25 -17.31 8.52
N VAL B 68 19.35 -16.85 7.28
CA VAL B 68 18.61 -17.46 6.18
C VAL B 68 19.56 -18.19 5.23
N ILE B 69 19.31 -19.47 5.02
CA ILE B 69 20.17 -20.30 4.19
C ILE B 69 19.60 -20.51 2.80
N ASP B 70 20.21 -19.91 1.79
CA ASP B 70 19.76 -20.04 0.42
C ASP B 70 20.34 -21.30 -0.22
N THR B 71 19.52 -21.98 -1.02
CA THR B 71 19.95 -23.23 -1.65
C THR B 71 19.76 -23.17 -3.16
N PRO B 72 20.64 -23.84 -3.91
CA PRO B 72 20.47 -23.94 -5.37
C PRO B 72 19.23 -24.75 -5.72
N GLY B 73 18.48 -24.28 -6.72
CA GLY B 73 17.27 -24.95 -7.14
C GLY B 73 17.53 -26.35 -7.69
N PHE B 74 16.56 -27.24 -7.53
CA PHE B 74 16.65 -28.59 -8.08
C PHE B 74 15.56 -28.84 -9.11
N GLY B 75 15.50 -30.08 -9.60
CA GLY B 75 14.52 -30.44 -10.60
C GLY B 75 14.91 -29.97 -11.98
N ASP B 76 16.17 -29.54 -12.12
CA ASP B 76 16.67 -29.00 -13.38
C ASP B 76 17.39 -30.03 -14.24
N HIS B 77 17.83 -31.12 -13.62
CA HIS B 77 18.59 -32.14 -14.32
C HIS B 77 17.74 -33.35 -14.69
N ILE B 78 18.38 -34.36 -15.27
CA ILE B 78 17.71 -35.60 -15.64
C ILE B 78 17.64 -36.52 -14.42
N ASN B 79 18.64 -36.40 -13.55
CA ASN B 79 18.66 -37.12 -12.28
C ASN B 79 18.81 -36.13 -11.12
N ASN B 80 17.91 -36.23 -10.14
CA ASN B 80 17.83 -35.21 -9.11
C ASN B 80 18.20 -35.69 -7.71
N GLU B 81 18.71 -36.92 -7.63
CA GLU B 81 19.25 -37.43 -6.37
C GLU B 81 20.50 -36.64 -6.01
N ASN B 82 21.25 -36.25 -7.03
CA ASN B 82 22.46 -35.45 -6.86
C ASN B 82 22.16 -34.00 -6.50
N CYS B 83 20.88 -33.65 -6.47
CA CYS B 83 20.46 -32.31 -6.08
C CYS B 83 19.88 -32.32 -4.68
N TRP B 84 19.30 -33.46 -4.30
CA TRP B 84 18.71 -33.62 -2.98
C TRP B 84 19.77 -33.95 -1.94
N GLN B 85 20.97 -34.26 -2.40
CA GLN B 85 22.05 -34.67 -1.50
C GLN B 85 22.79 -33.50 -0.82
N PRO B 86 23.15 -32.43 -1.58
CA PRO B 86 23.86 -31.35 -0.91
C PRO B 86 23.05 -30.67 0.19
N ILE B 87 21.72 -30.68 0.06
CA ILE B 87 20.86 -30.03 1.04
C ILE B 87 20.73 -30.89 2.30
N MET B 88 20.58 -32.20 2.11
CA MET B 88 20.54 -33.14 3.23
C MET B 88 21.87 -33.14 3.99
N LYS B 89 22.95 -32.93 3.26
CA LYS B 89 24.28 -32.91 3.85
C LYS B 89 24.49 -31.67 4.72
N PHE B 90 24.03 -30.53 4.24
CA PHE B 90 24.16 -29.28 5.00
C PHE B 90 23.39 -29.35 6.32
N ILE B 91 22.17 -29.88 6.26
CA ILE B 91 21.33 -30.02 7.44
C ILE B 91 22.00 -30.92 8.49
N ASN B 92 22.45 -32.08 8.05
CA ASN B 92 23.08 -33.05 8.95
C ASN B 92 24.43 -32.56 9.49
N ASP B 93 25.11 -31.73 8.71
CA ASP B 93 26.39 -31.17 9.14
C ASP B 93 26.20 -30.20 10.32
N GLN B 94 25.08 -29.49 10.30
CA GLN B 94 24.75 -28.60 11.41
C GLN B 94 24.36 -29.40 12.64
N TYR B 95 23.64 -30.51 12.42
CA TYR B 95 23.32 -31.43 13.50
C TYR B 95 24.59 -32.10 14.02
N GLU B 96 25.59 -32.19 13.16
CA GLU B 96 26.87 -32.79 13.53
C GLU B 96 27.74 -31.80 14.30
N LYS B 97 27.75 -30.55 13.84
CA LYS B 97 28.51 -29.49 14.50
C LYS B 97 27.99 -29.22 15.90
N TYR B 98 26.68 -29.39 16.08
CA TYR B 98 26.05 -29.17 17.37
C TYR B 98 26.27 -30.37 18.30
N LEU B 99 26.38 -31.56 17.72
CA LEU B 99 26.56 -32.77 18.50
C LEU B 99 28.00 -32.87 18.99
N GLN B 100 28.93 -32.32 18.22
CA GLN B 100 30.34 -32.33 18.60
C GLN B 100 30.65 -31.30 19.68
N GLU B 101 29.74 -30.34 19.87
CA GLU B 101 29.87 -29.36 20.95
C GLU B 101 29.09 -29.79 22.19
N GLU B 102 28.12 -30.69 22.02
CA GLU B 102 27.39 -31.21 23.16
C GLU B 102 28.29 -32.29 23.76
N VAL B 103 29.01 -32.98 22.88
CA VAL B 103 30.11 -33.82 23.31
C VAL B 103 31.18 -32.78 23.60
N ASN B 104 32.24 -33.16 24.32
CA ASN B 104 33.21 -32.18 24.81
C ASN B 104 32.46 -31.23 25.74
N ILE B 105 32.14 -31.73 26.92
CA ILE B 105 31.36 -31.01 27.93
C ILE B 105 32.20 -29.93 28.62
N ASN B 106 33.50 -29.98 28.37
CA ASN B 106 34.47 -29.12 29.05
C ASN B 106 34.64 -27.72 28.46
N ARG B 107 34.13 -27.49 27.26
CA ARG B 107 34.30 -26.20 26.58
C ARG B 107 33.59 -25.12 27.41
N LYS B 108 34.36 -24.12 27.86
CA LYS B 108 33.81 -23.09 28.75
C LYS B 108 32.83 -22.15 28.08
N LYS B 109 32.66 -22.26 26.77
CA LYS B 109 31.76 -21.35 26.09
C LYS B 109 30.51 -22.11 25.62
N ARG B 110 29.41 -21.38 25.52
CA ARG B 110 28.15 -21.95 25.06
C ARG B 110 28.15 -22.24 23.56
N ILE B 111 27.32 -23.19 23.17
CA ILE B 111 27.24 -23.66 21.79
C ILE B 111 26.39 -22.77 20.90
N PRO B 112 26.97 -22.32 19.77
CA PRO B 112 26.27 -21.55 18.75
C PRO B 112 25.36 -22.45 17.92
N ASP B 113 24.09 -22.08 17.81
CA ASP B 113 23.10 -22.92 17.13
C ASP B 113 23.05 -22.63 15.64
N THR B 114 23.63 -23.53 14.85
CA THR B 114 23.65 -23.37 13.39
C THR B 114 22.72 -24.37 12.72
N ARG B 115 22.00 -25.15 13.54
CA ARG B 115 21.05 -26.13 13.03
C ARG B 115 19.89 -25.47 12.31
N VAL B 116 19.43 -26.09 11.23
CA VAL B 116 18.26 -25.58 10.52
C VAL B 116 17.02 -25.88 11.36
N HIS B 117 16.43 -24.85 11.94
CA HIS B 117 15.24 -25.01 12.77
C HIS B 117 14.00 -25.13 11.90
N CYS B 118 13.89 -24.24 10.92
CA CYS B 118 12.71 -24.19 10.06
C CYS B 118 13.15 -24.17 8.61
N CYS B 119 12.38 -24.84 7.75
CA CYS B 119 12.72 -24.91 6.34
C CYS B 119 11.51 -24.67 5.45
N LEU B 120 11.49 -23.53 4.78
CA LEU B 120 10.43 -23.22 3.82
C LEU B 120 10.61 -24.04 2.55
N TYR B 121 9.54 -24.71 2.11
CA TYR B 121 9.58 -25.48 0.89
C TYR B 121 8.74 -24.81 -0.20
N PHE B 122 9.38 -24.48 -1.32
CA PHE B 122 8.70 -23.76 -2.40
C PHE B 122 8.05 -24.72 -3.39
N ILE B 123 6.72 -24.62 -3.49
CA ILE B 123 5.96 -25.46 -4.42
C ILE B 123 5.59 -24.67 -5.68
N PRO B 124 5.98 -25.20 -6.85
CA PRO B 124 5.65 -24.55 -8.12
C PRO B 124 4.15 -24.53 -8.39
N ALA B 125 3.62 -23.38 -8.79
CA ALA B 125 2.19 -23.21 -9.02
C ALA B 125 1.74 -23.89 -10.30
N THR B 126 1.76 -25.22 -10.30
CA THR B 126 1.33 -25.98 -11.47
C THR B 126 -0.19 -26.03 -11.58
N GLY B 127 -0.88 -25.85 -10.46
CA GLY B 127 -2.32 -25.88 -10.42
C GLY B 127 -2.88 -27.29 -10.42
N HIS B 128 -2.00 -28.28 -10.22
CA HIS B 128 -2.42 -29.67 -10.17
C HIS B 128 -1.82 -30.36 -8.95
N SER B 129 -1.96 -31.68 -8.89
CA SER B 129 -1.42 -32.47 -7.79
C SER B 129 0.10 -32.32 -7.69
N LEU B 130 0.64 -32.56 -6.51
CA LEU B 130 2.08 -32.50 -6.30
C LEU B 130 2.82 -33.51 -7.17
N ARG B 131 3.96 -33.08 -7.71
CA ARG B 131 4.78 -33.93 -8.54
C ARG B 131 5.60 -34.87 -7.65
N PRO B 132 5.89 -36.09 -8.14
CA PRO B 132 6.67 -37.10 -7.43
C PRO B 132 7.98 -36.57 -6.86
N LEU B 133 8.56 -35.56 -7.51
CA LEU B 133 9.82 -34.97 -7.04
C LEU B 133 9.63 -34.27 -5.71
N ASP B 134 8.71 -33.32 -5.65
CA ASP B 134 8.46 -32.56 -4.44
C ASP B 134 7.91 -33.44 -3.31
N ILE B 135 7.11 -34.44 -3.67
CA ILE B 135 6.56 -35.37 -2.70
C ILE B 135 7.69 -36.11 -1.98
N GLU B 136 8.59 -36.70 -2.75
CA GLU B 136 9.72 -37.45 -2.20
C GLU B 136 10.69 -36.54 -1.44
N PHE B 137 10.89 -35.33 -1.94
CA PHE B 137 11.81 -34.39 -1.32
C PHE B 137 11.30 -33.96 0.04
N MET B 138 10.02 -33.61 0.10
CA MET B 138 9.38 -33.20 1.34
C MET B 138 9.28 -34.38 2.31
N LYS B 139 9.16 -35.58 1.77
CA LYS B 139 9.10 -36.78 2.58
C LYS B 139 10.42 -37.00 3.30
N ARG B 140 11.52 -36.70 2.61
CA ARG B 140 12.85 -36.79 3.21
C ARG B 140 13.06 -35.68 4.24
N LEU B 141 12.68 -34.46 3.86
CA LEU B 141 12.92 -33.28 4.69
C LEU B 141 12.11 -33.28 5.98
N SER B 142 10.85 -33.72 5.91
CA SER B 142 9.98 -33.74 7.08
C SER B 142 10.50 -34.67 8.16
N LYS B 143 11.30 -35.65 7.75
CA LYS B 143 11.86 -36.63 8.68
C LYS B 143 13.08 -36.10 9.43
N VAL B 144 13.63 -34.97 8.99
CA VAL B 144 14.85 -34.45 9.59
C VAL B 144 14.80 -32.96 9.93
N VAL B 145 13.71 -32.29 9.56
CA VAL B 145 13.61 -30.85 9.79
C VAL B 145 12.16 -30.38 9.71
N ASN B 146 11.87 -29.24 10.31
CA ASN B 146 10.53 -28.65 10.26
C ASN B 146 10.29 -28.01 8.90
N ILE B 147 9.29 -28.50 8.18
CA ILE B 147 8.99 -28.01 6.84
C ILE B 147 7.74 -27.13 6.84
N VAL B 148 7.82 -26.00 6.14
CA VAL B 148 6.67 -25.16 5.89
C VAL B 148 6.50 -24.95 4.39
N PRO B 149 5.53 -25.66 3.79
CA PRO B 149 5.30 -25.59 2.34
C PRO B 149 4.77 -24.23 1.91
N VAL B 150 5.26 -23.73 0.78
CA VAL B 150 4.85 -22.41 0.30
C VAL B 150 4.50 -22.44 -1.19
N ILE B 151 3.50 -21.68 -1.57
CA ILE B 151 3.14 -21.54 -2.99
C ILE B 151 3.98 -20.45 -3.63
N ALA B 152 5.01 -20.86 -4.35
CA ALA B 152 5.91 -19.93 -5.02
C ALA B 152 5.19 -19.10 -6.09
N LYS B 153 5.47 -17.81 -6.11
CA LYS B 153 4.88 -16.88 -7.09
C LYS B 153 3.36 -16.96 -7.10
N ALA B 154 2.74 -16.62 -5.99
CA ALA B 154 1.28 -16.75 -5.84
C ALA B 154 0.51 -15.74 -6.69
N ASP B 155 1.22 -14.77 -7.26
CA ASP B 155 0.58 -13.80 -8.15
C ASP B 155 0.28 -14.44 -9.51
N THR B 156 0.88 -15.60 -9.76
CA THR B 156 0.63 -16.36 -10.97
C THR B 156 -0.82 -16.85 -11.03
N LEU B 157 -1.37 -17.22 -9.88
CA LEU B 157 -2.70 -17.82 -9.82
C LEU B 157 -3.78 -16.79 -9.50
N THR B 158 -5.00 -17.09 -9.92
CA THR B 158 -6.15 -16.27 -9.56
C THR B 158 -6.65 -16.68 -8.18
N LEU B 159 -7.65 -15.96 -7.66
CA LEU B 159 -8.21 -16.29 -6.36
C LEU B 159 -8.83 -17.68 -6.36
N GLU B 160 -9.55 -18.00 -7.42
CA GLU B 160 -10.17 -19.31 -7.57
C GLU B 160 -9.12 -20.41 -7.65
N GLU B 161 -8.09 -20.17 -8.45
CA GLU B 161 -7.02 -21.15 -8.63
C GLU B 161 -6.23 -21.35 -7.34
N ARG B 162 -6.05 -20.27 -6.58
CA ARG B 162 -5.30 -20.32 -5.33
C ARG B 162 -6.00 -21.18 -4.28
N VAL B 163 -7.32 -21.04 -4.21
CA VAL B 163 -8.12 -21.80 -3.25
C VAL B 163 -8.09 -23.29 -3.57
N HIS B 164 -8.24 -23.61 -4.85
CA HIS B 164 -8.20 -24.99 -5.30
C HIS B 164 -6.82 -25.61 -5.12
N PHE B 165 -5.78 -24.82 -5.32
CA PHE B 165 -4.43 -25.32 -5.21
C PHE B 165 -4.09 -25.65 -3.76
N LYS B 166 -4.46 -24.75 -2.85
CA LYS B 166 -4.27 -24.99 -1.42
C LYS B 166 -4.99 -26.25 -0.98
N GLN B 167 -6.22 -26.41 -1.43
CA GLN B 167 -7.03 -27.58 -1.09
C GLN B 167 -6.39 -28.87 -1.61
N ARG B 168 -5.76 -28.78 -2.78
CA ARG B 168 -5.21 -29.97 -3.41
C ARG B 168 -3.86 -30.32 -2.78
N ILE B 169 -3.04 -29.32 -2.51
CA ILE B 169 -1.77 -29.52 -1.84
C ILE B 169 -1.96 -30.12 -0.46
N THR B 170 -2.92 -29.58 0.28
CA THR B 170 -3.26 -30.07 1.61
C THR B 170 -3.58 -31.56 1.60
N ALA B 171 -4.41 -31.96 0.64
CA ALA B 171 -4.82 -33.36 0.50
C ALA B 171 -3.62 -34.25 0.16
N ASP B 172 -2.72 -33.75 -0.67
CA ASP B 172 -1.55 -34.50 -1.06
C ASP B 172 -0.59 -34.71 0.11
N LEU B 173 -0.37 -33.65 0.88
CA LEU B 173 0.47 -33.73 2.06
C LEU B 173 -0.06 -34.77 3.04
N LEU B 174 -1.37 -34.76 3.25
CA LEU B 174 -2.02 -35.69 4.16
C LEU B 174 -1.91 -37.12 3.65
N SER B 175 -2.21 -37.32 2.37
CA SER B 175 -2.21 -38.65 1.77
C SER B 175 -0.81 -39.25 1.68
N ASN B 176 0.20 -38.40 1.54
CA ASN B 176 1.57 -38.87 1.45
C ASN B 176 2.27 -38.95 2.80
N GLY B 177 1.53 -38.64 3.86
CA GLY B 177 2.06 -38.71 5.20
C GLY B 177 3.20 -37.74 5.45
N ILE B 178 3.20 -36.64 4.71
CA ILE B 178 4.22 -35.61 4.88
C ILE B 178 3.87 -34.73 6.08
N ASP B 179 4.60 -34.93 7.18
CA ASP B 179 4.34 -34.18 8.41
C ASP B 179 4.99 -32.80 8.37
N VAL B 180 4.16 -31.77 8.24
CA VAL B 180 4.64 -30.40 8.21
C VAL B 180 4.35 -29.69 9.53
N TYR B 181 5.10 -28.63 9.82
CA TYR B 181 4.87 -27.83 11.01
C TYR B 181 3.62 -26.98 10.85
N PRO B 182 2.78 -26.90 11.89
CA PRO B 182 2.95 -27.61 13.16
C PRO B 182 2.33 -29.00 13.13
N GLN B 183 3.15 -30.02 13.41
CA GLN B 183 2.67 -31.39 13.44
C GLN B 183 1.60 -31.55 14.51
N LYS B 184 0.50 -32.20 14.16
CA LYS B 184 -0.61 -32.40 15.09
C LYS B 184 -0.18 -33.20 16.31
N GLU B 185 0.82 -34.06 16.11
CA GLU B 185 1.32 -34.94 17.16
C GLU B 185 2.09 -34.18 18.25
N PHE B 186 2.29 -32.88 18.05
CA PHE B 186 3.04 -32.08 19.01
C PHE B 186 2.17 -31.02 19.67
N ASP B 187 0.85 -31.14 19.49
CA ASP B 187 -0.08 -30.24 20.14
C ASP B 187 -0.31 -30.66 21.58
N GLU B 188 -0.12 -29.72 22.51
CA GLU B 188 -0.22 -30.02 23.93
C GLU B 188 -1.68 -30.09 24.36
N ASP B 189 -2.31 -28.92 24.45
CA ASP B 189 -3.71 -28.84 24.88
C ASP B 189 -4.56 -28.15 23.81
N SER B 190 -5.78 -27.78 24.19
CA SER B 190 -6.72 -27.19 23.26
C SER B 190 -6.30 -25.79 22.82
N GLU B 191 -5.66 -25.06 23.73
CA GLU B 191 -5.22 -23.70 23.42
C GLU B 191 -4.00 -23.72 22.52
N ASP B 192 -3.17 -24.75 22.68
CA ASP B 192 -2.01 -24.94 21.82
C ASP B 192 -2.46 -25.39 20.43
N ARG B 193 -3.56 -26.15 20.40
CA ARG B 193 -4.09 -26.67 19.15
C ARG B 193 -4.74 -25.58 18.31
N LEU B 194 -5.42 -24.64 18.98
CA LEU B 194 -6.13 -23.57 18.30
C LEU B 194 -5.20 -22.65 17.50
N VAL B 195 -4.10 -22.24 18.12
CA VAL B 195 -3.14 -21.35 17.45
C VAL B 195 -2.43 -22.09 16.32
N ASN B 196 -2.26 -23.41 16.48
CA ASN B 196 -1.63 -24.22 15.45
C ASN B 196 -2.55 -24.45 14.25
N GLU B 197 -3.84 -24.56 14.51
CA GLU B 197 -4.83 -24.71 13.45
C GLU B 197 -4.83 -23.49 12.53
N LYS B 198 -4.73 -22.31 13.12
CA LYS B 198 -4.70 -21.07 12.35
C LYS B 198 -3.49 -21.03 11.44
N PHE B 199 -2.44 -21.74 11.84
CA PHE B 199 -1.23 -21.86 11.02
C PHE B 199 -1.45 -22.88 9.91
N ARG B 200 -2.02 -24.04 10.27
CA ARG B 200 -2.21 -25.13 9.32
C ARG B 200 -3.22 -24.81 8.22
N GLU B 201 -4.18 -23.94 8.54
CA GLU B 201 -5.20 -23.55 7.57
C GLU B 201 -4.64 -22.71 6.43
N MET B 202 -3.49 -22.08 6.67
CA MET B 202 -2.87 -21.22 5.67
C MET B 202 -1.90 -22.00 4.77
N ILE B 203 -1.41 -23.13 5.27
CA ILE B 203 -0.51 -23.99 4.51
C ILE B 203 -1.23 -24.60 3.32
N PRO B 204 -0.62 -24.50 2.11
CA PRO B 204 0.66 -23.84 1.85
C PRO B 204 0.56 -22.33 1.69
N PHE B 205 1.41 -21.59 2.39
CA PHE B 205 1.39 -20.13 2.35
C PHE B 205 1.60 -19.58 0.95
N ALA B 206 0.73 -18.67 0.53
CA ALA B 206 0.84 -18.05 -0.78
C ALA B 206 1.69 -16.78 -0.72
N VAL B 207 2.96 -16.90 -1.08
CA VAL B 207 3.89 -15.78 -0.97
C VAL B 207 4.18 -15.15 -2.33
N VAL B 208 4.60 -13.89 -2.29
CA VAL B 208 4.97 -13.15 -3.50
C VAL B 208 6.21 -12.30 -3.24
N GLY B 209 7.25 -12.49 -4.05
CA GLY B 209 8.47 -11.72 -3.93
C GLY B 209 8.27 -10.26 -4.32
N GLU B 240 0.53 -13.37 1.35
CA GLU B 240 0.40 -13.87 2.71
C GLU B 240 1.77 -14.00 3.38
N PHE B 241 2.77 -13.33 2.79
CA PHE B 241 4.14 -13.41 3.30
C PHE B 241 4.30 -12.63 4.61
N ALA B 242 3.62 -11.50 4.71
CA ALA B 242 3.68 -10.67 5.91
C ALA B 242 3.21 -11.45 7.12
N TYR B 243 2.12 -12.19 6.94
CA TYR B 243 1.58 -13.04 8.00
C TYR B 243 2.56 -14.17 8.33
N LEU B 244 3.08 -14.81 7.29
CA LEU B 244 4.02 -15.93 7.45
C LEU B 244 5.28 -15.52 8.22
N ARG B 245 5.82 -14.35 7.88
CA ARG B 245 7.01 -13.84 8.53
C ARG B 245 6.80 -13.70 10.04
N ASP B 246 5.74 -13.00 10.42
CA ASP B 246 5.43 -12.77 11.83
C ASP B 246 5.20 -14.08 12.58
N LEU B 247 4.53 -15.03 11.94
CA LEU B 247 4.27 -16.33 12.55
C LEU B 247 5.56 -17.07 12.85
N LEU B 248 6.48 -17.07 11.89
CA LEU B 248 7.74 -17.79 12.03
C LEU B 248 8.71 -17.08 12.97
N ILE B 249 8.67 -15.76 12.97
CA ILE B 249 9.63 -14.95 13.74
C ILE B 249 9.13 -14.63 15.15
N ARG B 250 7.84 -14.32 15.28
CA ARG B 250 7.29 -13.93 16.57
C ARG B 250 6.55 -15.08 17.27
N THR B 251 5.43 -15.48 16.70
CA THR B 251 4.52 -16.42 17.36
C THR B 251 5.09 -17.83 17.53
N HIS B 252 5.56 -18.42 16.44
CA HIS B 252 5.94 -19.83 16.45
C HIS B 252 7.45 -20.07 16.55
N MET B 253 8.21 -18.99 16.74
CA MET B 253 9.68 -19.07 16.70
C MET B 253 10.25 -20.06 17.72
N GLN B 254 9.92 -19.87 18.99
CA GLN B 254 10.46 -20.70 20.06
C GLN B 254 9.92 -22.13 20.00
N ASN B 255 8.67 -22.27 19.57
CA ASN B 255 8.04 -23.58 19.45
C ASN B 255 8.70 -24.41 18.36
N ILE B 256 9.09 -23.76 17.27
CA ILE B 256 9.81 -24.41 16.19
C ILE B 256 11.16 -24.91 16.70
N LYS B 257 11.86 -24.05 17.43
CA LYS B 257 13.17 -24.38 17.99
C LYS B 257 13.11 -25.56 18.95
N ASP B 258 12.06 -25.60 19.76
CA ASP B 258 11.87 -26.67 20.74
C ASP B 258 11.68 -28.03 20.09
N ILE B 259 10.97 -28.05 18.96
CA ILE B 259 10.73 -29.28 18.22
C ILE B 259 12.00 -29.69 17.47
N THR B 260 12.77 -28.70 17.06
CA THR B 260 14.04 -28.95 16.37
C THR B 260 15.01 -29.70 17.27
N SER B 261 15.03 -29.33 18.55
CA SER B 261 15.92 -29.94 19.52
C SER B 261 15.42 -31.29 20.03
N SER B 262 14.22 -31.28 20.61
CA SER B 262 13.69 -32.46 21.30
C SER B 262 13.27 -33.60 20.37
N ILE B 263 12.97 -33.27 19.13
CA ILE B 263 12.48 -34.28 18.19
C ILE B 263 13.47 -34.60 17.07
N HIS B 264 13.76 -33.59 16.25
CA HIS B 264 14.61 -33.80 15.07
C HIS B 264 16.07 -34.07 15.43
N PHE B 265 16.59 -33.33 16.41
CA PHE B 265 17.98 -33.48 16.81
C PHE B 265 18.20 -34.77 17.59
N GLU B 266 17.22 -35.15 18.41
CA GLU B 266 17.30 -36.39 19.17
C GLU B 266 17.25 -37.60 18.25
N ALA B 267 16.52 -37.45 17.15
CA ALA B 267 16.46 -38.48 16.11
C ALA B 267 17.84 -38.66 15.47
N TYR B 268 18.54 -37.55 15.29
CA TYR B 268 19.89 -37.57 14.76
C TYR B 268 20.88 -38.13 15.78
N ARG B 269 20.69 -37.75 17.04
CA ARG B 269 21.59 -38.17 18.11
C ARG B 269 21.62 -39.68 18.28
N VAL B 270 20.44 -40.31 18.28
CA VAL B 270 20.36 -41.76 18.47
C VAL B 270 20.96 -42.52 17.28
N LYS B 271 20.78 -41.97 16.08
CA LYS B 271 21.32 -42.59 14.87
C LYS B 271 22.84 -42.61 14.86
N ARG B 272 23.45 -41.47 15.19
CA ARG B 272 24.89 -41.33 15.15
C ARG B 272 25.56 -42.00 16.36
N LEU B 273 24.76 -42.31 17.37
CA LEU B 273 25.28 -42.89 18.60
C LEU B 273 24.59 -44.21 18.93
N LYS C 2 -26.00 23.10 -27.09
CA LYS C 2 -25.34 24.36 -26.78
C LYS C 2 -25.64 24.81 -25.35
N GLN C 3 -26.41 24.00 -24.64
CA GLN C 3 -26.78 24.30 -23.25
C GLN C 3 -26.35 23.24 -22.25
N GLY C 4 -26.18 23.69 -21.02
CA GLY C 4 -25.72 22.87 -19.91
C GLY C 4 -24.23 22.63 -19.91
N PHE C 5 -23.54 23.30 -19.00
CA PHE C 5 -22.11 23.12 -18.80
C PHE C 5 -21.85 22.59 -17.39
N GLU C 6 -21.12 21.49 -17.28
CA GLU C 6 -20.85 20.94 -15.96
C GLU C 6 -19.66 21.66 -15.33
N PHE C 7 -19.70 21.81 -14.00
CA PHE C 7 -18.61 22.45 -13.27
C PHE C 7 -18.61 21.95 -11.84
N ASN C 8 -17.45 21.50 -11.37
CA ASN C 8 -17.35 20.88 -10.05
C ASN C 8 -16.43 21.64 -9.11
N ILE C 9 -16.97 22.09 -7.99
CA ILE C 9 -16.20 22.79 -6.97
C ILE C 9 -16.16 22.00 -5.67
N MET C 10 -14.97 21.79 -5.12
CA MET C 10 -14.82 21.08 -3.87
C MET C 10 -14.32 21.99 -2.75
N VAL C 11 -15.01 21.98 -1.62
CA VAL C 11 -14.55 22.76 -0.47
C VAL C 11 -13.72 21.88 0.46
N VAL C 12 -12.56 22.39 0.83
CA VAL C 12 -11.62 21.65 1.68
C VAL C 12 -11.05 22.59 2.74
N GLY C 13 -10.90 22.09 3.96
CA GLY C 13 -10.37 22.90 5.05
C GLY C 13 -10.57 22.26 6.42
N GLN C 14 -10.04 22.89 7.46
CA GLN C 14 -10.17 22.37 8.81
C GLN C 14 -11.60 22.44 9.33
N SER C 15 -11.84 21.73 10.44
CA SER C 15 -13.16 21.63 11.03
C SER C 15 -13.68 22.96 11.56
N GLY C 16 -14.89 23.32 11.14
CA GLY C 16 -15.56 24.50 11.67
C GLY C 16 -15.10 25.81 11.07
N LEU C 17 -14.63 25.77 9.83
CA LEU C 17 -14.16 26.97 9.15
C LEU C 17 -15.24 27.62 8.29
N GLY C 18 -16.42 27.01 8.28
CA GLY C 18 -17.55 27.56 7.54
C GLY C 18 -17.63 27.05 6.12
N LYS C 19 -17.13 25.85 5.89
CA LYS C 19 -17.14 25.26 4.55
C LYS C 19 -18.56 24.95 4.09
N SER C 20 -19.30 24.24 4.92
CA SER C 20 -20.68 23.86 4.61
C SER C 20 -21.58 25.09 4.50
N THR C 21 -21.32 26.07 5.36
CA THR C 21 -22.12 27.30 5.39
C THR C 21 -21.94 28.09 4.09
N LEU C 22 -20.76 27.98 3.49
CA LEU C 22 -20.47 28.72 2.26
C LEU C 22 -21.17 28.08 1.06
N ILE C 23 -21.39 26.78 1.14
CA ILE C 23 -22.02 26.03 0.06
C ILE C 23 -23.46 26.49 -0.13
N ASN C 24 -24.22 26.53 0.96
CA ASN C 24 -25.60 26.99 0.90
C ASN C 24 -25.65 28.47 0.56
N THR C 25 -24.61 29.20 0.95
CA THR C 25 -24.46 30.61 0.58
C THR C 25 -24.25 30.74 -0.92
N LEU C 26 -23.38 29.89 -1.45
CA LEU C 26 -23.04 29.89 -2.87
C LEU C 26 -24.22 29.51 -3.76
N PHE C 27 -25.02 28.55 -3.30
CA PHE C 27 -26.17 28.07 -4.05
C PHE C 27 -27.39 29.00 -3.97
N LYS C 28 -27.55 29.70 -2.86
CA LYS C 28 -28.69 30.59 -2.69
C LYS C 28 -28.49 31.94 -3.34
N SER C 29 -27.61 32.00 -4.34
CA SER C 29 -27.36 33.22 -5.08
C SER C 29 -27.58 33.00 -6.58
N GLU C 42 -31.72 26.17 10.18
CA GLU C 42 -31.35 25.19 11.18
C GLU C 42 -29.84 24.99 11.24
N ARG C 43 -29.34 24.59 12.41
CA ARG C 43 -27.92 24.35 12.61
C ARG C 43 -27.42 23.28 11.64
N ILE C 44 -26.40 23.62 10.87
CA ILE C 44 -25.76 22.66 9.98
C ILE C 44 -24.90 21.69 10.77
N PRO C 45 -25.23 20.39 10.68
CA PRO C 45 -24.53 19.33 11.42
C PRO C 45 -23.08 19.18 11.00
N LYS C 46 -22.31 18.44 11.80
CA LYS C 46 -20.91 18.18 11.48
C LYS C 46 -20.78 17.28 10.26
N THR C 47 -19.99 17.73 9.29
CA THR C 47 -19.82 17.00 8.04
C THR C 47 -18.94 15.78 8.28
N ILE C 48 -19.54 14.60 8.24
CA ILE C 48 -18.82 13.36 8.54
C ILE C 48 -18.43 12.58 7.29
N GLU C 49 -19.16 12.77 6.20
CA GLU C 49 -18.86 12.07 4.96
C GLU C 49 -18.78 13.03 3.77
N ILE C 50 -18.04 12.62 2.75
CA ILE C 50 -17.95 13.38 1.51
C ILE C 50 -19.28 13.33 0.76
N LYS C 51 -19.88 14.50 0.54
CA LYS C 51 -21.18 14.58 -0.10
C LYS C 51 -21.18 15.53 -1.28
N SER C 52 -21.67 15.07 -2.42
CA SER C 52 -21.81 15.90 -3.61
C SER C 52 -23.20 16.52 -3.66
N ILE C 53 -23.26 17.82 -3.95
CA ILE C 53 -24.53 18.54 -4.07
C ILE C 53 -24.64 19.19 -5.44
N THR C 54 -25.70 18.87 -6.18
CA THR C 54 -25.84 19.33 -7.55
C THR C 54 -27.11 20.16 -7.75
N HIS C 55 -26.95 21.30 -8.43
CA HIS C 55 -28.08 22.16 -8.76
C HIS C 55 -27.89 22.82 -10.12
N ASP C 56 -28.95 22.87 -10.92
CA ASP C 56 -28.90 23.53 -12.21
C ASP C 56 -29.18 25.03 -12.07
N ILE C 57 -28.23 25.85 -12.50
CA ILE C 57 -28.37 27.29 -12.39
C ILE C 57 -28.18 27.97 -13.76
N GLU C 58 -29.02 28.96 -14.04
CA GLU C 58 -28.94 29.69 -15.30
C GLU C 58 -28.36 31.08 -15.09
N GLU C 59 -27.04 31.19 -15.18
CA GLU C 59 -26.35 32.46 -15.00
C GLU C 59 -26.59 33.39 -16.18
N GLY C 61 -27.88 33.29 -19.25
CA GLY C 61 -27.83 32.98 -20.66
C GLY C 61 -27.65 31.50 -20.92
N VAL C 62 -26.76 30.87 -20.16
CA VAL C 62 -26.48 29.44 -20.32
C VAL C 62 -26.66 28.70 -19.00
N ARG C 63 -27.18 27.48 -19.07
CA ARG C 63 -27.40 26.65 -17.91
C ARG C 63 -26.12 25.95 -17.45
N MET C 64 -25.88 25.96 -16.15
CA MET C 64 -24.71 25.29 -15.60
C MET C 64 -25.14 24.25 -14.57
N LYS C 65 -24.53 23.07 -14.62
CA LYS C 65 -24.81 22.01 -13.67
C LYS C 65 -23.77 22.03 -12.57
N LEU C 66 -23.93 22.97 -11.65
CA LEU C 66 -22.96 23.18 -10.58
C LEU C 66 -23.02 22.06 -9.56
N THR C 67 -21.88 21.43 -9.32
CA THR C 67 -21.77 20.42 -8.28
C THR C 67 -20.76 20.85 -7.24
N VAL C 68 -21.20 20.93 -5.99
CA VAL C 68 -20.31 21.28 -4.89
C VAL C 68 -20.11 20.07 -3.97
N ILE C 69 -18.85 19.70 -3.79
CA ILE C 69 -18.52 18.53 -2.99
C ILE C 69 -18.05 18.93 -1.60
N ASP C 70 -18.87 18.64 -0.59
CA ASP C 70 -18.52 18.98 0.78
C ASP C 70 -17.64 17.89 1.39
N THR C 71 -16.66 18.30 2.17
CA THR C 71 -15.72 17.36 2.78
C THR C 71 -15.65 17.54 4.30
N PRO C 72 -15.41 16.43 5.02
CA PRO C 72 -15.21 16.50 6.47
C PRO C 72 -13.93 17.24 6.82
N GLY C 73 -13.98 18.10 7.84
CA GLY C 73 -12.83 18.87 8.25
C GLY C 73 -11.70 18.01 8.77
N PHE C 74 -10.46 18.47 8.58
CA PHE C 74 -9.30 17.78 9.09
C PHE C 74 -8.57 18.63 10.11
N GLY C 75 -7.42 18.15 10.57
CA GLY C 75 -6.64 18.89 11.55
C GLY C 75 -7.19 18.75 12.96
N ASP C 76 -8.13 17.82 13.12
CA ASP C 76 -8.79 17.62 14.41
C ASP C 76 -8.14 16.51 15.23
N HIS C 77 -7.39 15.64 14.57
CA HIS C 77 -6.78 14.49 15.24
C HIS C 77 -5.31 14.74 15.58
N ILE C 78 -4.66 13.71 16.14
CA ILE C 78 -3.25 13.78 16.46
C ILE C 78 -2.41 13.47 15.22
N ASN C 79 -2.95 12.62 14.35
CA ASN C 79 -2.33 12.32 13.07
C ASN C 79 -3.32 12.60 11.94
N ASN C 80 -2.89 13.36 10.94
CA ASN C 80 -3.81 13.87 9.93
C ASN C 80 -3.58 13.32 8.53
N GLU C 81 -2.70 12.33 8.41
CA GLU C 81 -2.52 11.64 7.14
C GLU C 81 -3.76 10.83 6.81
N ASN C 82 -4.40 10.31 7.86
CA ASN C 82 -5.65 9.56 7.71
C ASN C 82 -6.84 10.45 7.38
N CYS C 83 -6.60 11.76 7.35
CA CYS C 83 -7.62 12.72 6.97
C CYS C 83 -7.38 13.24 5.57
N TRP C 84 -6.11 13.27 5.17
CA TRP C 84 -5.72 13.74 3.85
C TRP C 84 -5.90 12.67 2.78
N GLN C 85 -6.16 11.44 3.22
CA GLN C 85 -6.30 10.31 2.30
C GLN C 85 -7.69 10.17 1.65
N PRO C 86 -8.78 10.29 2.42
CA PRO C 86 -10.09 10.11 1.77
C PRO C 86 -10.40 11.14 0.69
N ILE C 87 -9.85 12.34 0.80
CA ILE C 87 -10.09 13.38 -0.20
C ILE C 87 -9.26 13.13 -1.46
N MET C 88 -8.03 12.69 -1.29
CA MET C 88 -7.18 12.35 -2.43
C MET C 88 -7.75 11.16 -3.21
N LYS C 89 -8.41 10.25 -2.52
CA LYS C 89 -9.02 9.10 -3.16
C LYS C 89 -10.24 9.51 -3.98
N PHE C 90 -11.04 10.41 -3.43
CA PHE C 90 -12.23 10.89 -4.11
C PHE C 90 -11.85 11.59 -5.41
N ILE C 91 -10.82 12.42 -5.35
CA ILE C 91 -10.32 13.14 -6.51
C ILE C 91 -9.85 12.18 -7.61
N ASN C 92 -9.01 11.22 -7.23
CA ASN C 92 -8.48 10.25 -8.18
C ASN C 92 -9.55 9.30 -8.71
N ASP C 93 -10.57 9.04 -7.91
CA ASP C 93 -11.67 8.18 -8.33
C ASP C 93 -12.48 8.86 -9.44
N GLN C 94 -12.60 10.18 -9.37
CA GLN C 94 -13.28 10.93 -10.43
C GLN C 94 -12.42 10.92 -11.68
N TYR C 95 -11.11 11.02 -11.50
CA TYR C 95 -10.16 10.89 -12.61
C TYR C 95 -10.18 9.47 -13.16
N GLU C 96 -10.55 8.52 -12.32
CA GLU C 96 -10.63 7.12 -12.71
C GLU C 96 -11.91 6.86 -13.50
N LYS C 97 -13.02 7.46 -13.05
CA LYS C 97 -14.30 7.30 -13.72
C LYS C 97 -14.28 7.89 -15.13
N TYR C 98 -13.50 8.95 -15.31
CA TYR C 98 -13.42 9.61 -16.61
C TYR C 98 -12.50 8.82 -17.55
N LEU C 99 -11.49 8.16 -16.99
CA LEU C 99 -10.55 7.40 -17.79
C LEU C 99 -11.11 6.05 -18.22
N GLN C 100 -11.98 5.49 -17.39
CA GLN C 100 -12.60 4.21 -17.69
C GLN C 100 -13.70 4.37 -18.73
N GLU C 101 -14.13 5.60 -18.95
CA GLU C 101 -15.16 5.90 -19.94
C GLU C 101 -14.53 6.35 -21.27
N GLU C 102 -13.29 6.79 -21.23
CA GLU C 102 -12.59 7.21 -22.45
C GLU C 102 -12.03 6.00 -23.20
N VAL C 103 -11.56 5.00 -22.46
CA VAL C 103 -11.11 3.75 -23.04
C VAL C 103 -12.27 2.84 -23.43
N ASN C 104 -13.48 3.24 -23.02
CA ASN C 104 -14.69 2.45 -23.24
C ASN C 104 -15.09 2.47 -24.71
N ILE C 105 -14.56 1.52 -25.48
CA ILE C 105 -14.74 1.52 -26.94
C ILE C 105 -16.19 1.33 -27.38
N ASN C 106 -17.06 0.91 -26.48
CA ASN C 106 -18.47 0.73 -26.82
C ASN C 106 -19.29 2.00 -26.66
N ARG C 107 -18.75 2.96 -25.91
CA ARG C 107 -19.48 4.18 -25.57
C ARG C 107 -19.75 5.11 -26.74
N LYS C 108 -21.04 5.29 -27.06
CA LYS C 108 -21.46 6.19 -28.12
C LYS C 108 -21.84 7.57 -27.58
N LYS C 109 -21.90 7.70 -26.26
CA LYS C 109 -22.41 8.90 -25.61
C LYS C 109 -21.29 9.75 -25.01
N ARG C 110 -21.56 11.02 -24.77
CA ARG C 110 -20.57 11.89 -24.15
C ARG C 110 -20.36 11.49 -22.69
N ILE C 111 -19.15 11.73 -22.19
CA ILE C 111 -18.76 11.36 -20.84
C ILE C 111 -19.18 12.39 -19.80
N PRO C 112 -19.85 11.95 -18.74
CA PRO C 112 -20.22 12.87 -17.66
C PRO C 112 -19.00 13.26 -16.83
N ASP C 113 -18.78 14.57 -16.68
CA ASP C 113 -17.58 15.05 -16.01
C ASP C 113 -17.83 15.16 -14.51
N THR C 114 -17.27 14.23 -13.75
CA THR C 114 -17.42 14.21 -12.31
C THR C 114 -16.12 14.62 -11.63
N ARG C 115 -15.13 14.96 -12.46
CA ARG C 115 -13.83 15.41 -11.96
C ARG C 115 -13.91 16.73 -11.23
N VAL C 116 -13.13 16.86 -10.16
CA VAL C 116 -13.05 18.12 -9.43
C VAL C 116 -12.22 19.12 -10.22
N HIS C 117 -12.89 20.14 -10.76
CA HIS C 117 -12.20 21.17 -11.54
C HIS C 117 -11.54 22.19 -10.63
N CYS C 118 -12.29 22.64 -9.62
CA CYS C 118 -11.82 23.68 -8.73
C CYS C 118 -11.98 23.25 -7.27
N CYS C 119 -11.02 23.63 -6.44
CA CYS C 119 -11.04 23.26 -5.03
C CYS C 119 -10.72 24.44 -4.13
N LEU C 120 -11.72 24.93 -3.41
CA LEU C 120 -11.50 25.99 -2.43
C LEU C 120 -10.81 25.42 -1.20
N TYR C 121 -9.71 26.05 -0.79
CA TYR C 121 -9.01 25.64 0.42
C TYR C 121 -9.20 26.68 1.51
N PHE C 122 -9.77 26.27 2.63
CA PHE C 122 -10.09 27.19 3.72
C PHE C 122 -8.94 27.36 4.70
N ILE C 123 -8.44 28.58 4.79
CA ILE C 123 -7.35 28.90 5.71
C ILE C 123 -7.92 29.57 6.96
N PRO C 124 -7.64 29.01 8.13
CA PRO C 124 -8.11 29.58 9.40
C PRO C 124 -7.45 30.93 9.67
N ALA C 125 -8.26 31.91 10.07
CA ALA C 125 -7.76 33.27 10.30
C ALA C 125 -6.94 33.36 11.58
N THR C 126 -5.77 32.75 11.55
CA THR C 126 -4.86 32.79 12.70
C THR C 126 -4.14 34.13 12.80
N GLY C 127 -4.02 34.81 11.67
CA GLY C 127 -3.34 36.09 11.62
C GLY C 127 -1.83 35.96 11.57
N HIS C 128 -1.35 34.74 11.36
CA HIS C 128 0.08 34.49 11.28
C HIS C 128 0.43 33.66 10.05
N SER C 129 1.68 33.21 9.96
CA SER C 129 2.14 32.40 8.84
C SER C 129 1.35 31.10 8.74
N LEU C 130 1.33 30.51 7.54
CA LEU C 130 0.64 29.25 7.32
C LEU C 130 1.22 28.13 8.19
N ARG C 131 0.34 27.30 8.72
CA ARG C 131 0.75 26.17 9.54
C ARG C 131 1.25 25.02 8.67
N PRO C 132 2.22 24.25 9.18
CA PRO C 132 2.82 23.10 8.48
C PRO C 132 1.79 22.13 7.90
N LEU C 133 0.63 22.02 8.54
CA LEU C 133 -0.43 21.13 8.08
C LEU C 133 -0.99 21.58 6.74
N ASP C 134 -1.43 22.84 6.69
CA ASP C 134 -2.05 23.39 5.48
C ASP C 134 -1.06 23.46 4.33
N ILE C 135 0.20 23.70 4.64
CA ILE C 135 1.25 23.74 3.63
C ILE C 135 1.36 22.40 2.91
N GLU C 136 1.48 21.33 3.68
CA GLU C 136 1.60 19.99 3.12
C GLU C 136 0.33 19.56 2.40
N PHE C 137 -0.82 19.96 2.93
CA PHE C 137 -2.11 19.59 2.34
C PHE C 137 -2.29 20.31 1.00
N MET C 138 -2.01 21.60 0.98
CA MET C 138 -2.13 22.39 -0.24
C MET C 138 -1.09 21.99 -1.28
N LYS C 139 0.07 21.54 -0.82
CA LYS C 139 1.12 21.09 -1.73
C LYS C 139 0.71 19.81 -2.45
N ARG C 140 0.00 18.95 -1.73
CA ARG C 140 -0.52 17.71 -2.33
C ARG C 140 -1.64 18.02 -3.32
N LEU C 141 -2.55 18.89 -2.91
CA LEU C 141 -3.74 19.20 -3.69
C LEU C 141 -3.41 19.92 -4.99
N SER C 142 -2.46 20.85 -4.94
CA SER C 142 -2.08 21.63 -6.11
C SER C 142 -1.51 20.76 -7.21
N LYS C 143 -0.96 19.61 -6.83
CA LYS C 143 -0.36 18.69 -7.78
C LYS C 143 -1.40 17.84 -8.53
N VAL C 144 -2.64 17.86 -8.05
CA VAL C 144 -3.67 17.02 -8.65
C VAL C 144 -4.97 17.76 -8.94
N VAL C 145 -5.05 19.02 -8.52
CA VAL C 145 -6.28 19.81 -8.71
C VAL C 145 -6.00 21.30 -8.57
N ASN C 146 -6.87 22.12 -9.16
CA ASN C 146 -6.76 23.57 -9.04
C ASN C 146 -7.28 24.06 -7.70
N ILE C 147 -6.40 24.66 -6.90
CA ILE C 147 -6.80 25.15 -5.59
C ILE C 147 -6.92 26.68 -5.57
N VAL C 148 -7.96 27.17 -4.91
CA VAL C 148 -8.11 28.59 -4.65
C VAL C 148 -8.26 28.82 -3.16
N PRO C 149 -7.17 29.27 -2.51
CA PRO C 149 -7.15 29.48 -1.06
C PRO C 149 -8.06 30.62 -0.63
N VAL C 150 -8.77 30.42 0.48
CA VAL C 150 -9.69 31.43 0.98
C VAL C 150 -9.49 31.63 2.47
N ILE C 151 -9.66 32.87 2.93
CA ILE C 151 -9.58 33.16 4.35
C ILE C 151 -10.92 32.87 4.99
N ALA C 152 -11.01 31.73 5.66
CA ALA C 152 -12.24 31.31 6.31
C ALA C 152 -12.61 32.28 7.42
N LYS C 153 -13.90 32.62 7.49
CA LYS C 153 -14.42 33.54 8.49
C LYS C 153 -13.65 34.86 8.51
N ALA C 154 -13.70 35.58 7.40
CA ALA C 154 -12.94 36.81 7.24
C ALA C 154 -13.46 37.94 8.13
N ASP C 155 -14.63 37.74 8.73
CA ASP C 155 -15.19 38.71 9.66
C ASP C 155 -14.45 38.68 11.00
N THR C 156 -13.66 37.62 11.21
CA THR C 156 -12.84 37.49 12.40
C THR C 156 -11.76 38.57 12.46
N LEU C 157 -11.22 38.93 11.30
CA LEU C 157 -10.09 39.86 11.23
C LEU C 157 -10.56 41.29 10.95
N THR C 158 -9.74 42.25 11.36
CA THR C 158 -9.99 43.65 11.04
C THR C 158 -9.47 43.94 9.63
N LEU C 159 -9.70 45.16 9.15
CA LEU C 159 -9.25 45.55 7.83
C LEU C 159 -7.72 45.52 7.74
N GLU C 160 -7.08 46.02 8.79
CA GLU C 160 -5.62 46.03 8.87
C GLU C 160 -5.06 44.61 8.92
N GLU C 161 -5.68 43.77 9.75
CA GLU C 161 -5.23 42.39 9.93
C GLU C 161 -5.40 41.56 8.65
N ARG C 162 -6.47 41.83 7.90
CA ARG C 162 -6.75 41.11 6.67
C ARG C 162 -5.67 41.37 5.63
N VAL C 163 -5.22 42.62 5.55
CA VAL C 163 -4.19 43.02 4.60
C VAL C 163 -2.86 42.35 4.94
N HIS C 164 -2.51 42.35 6.22
CA HIS C 164 -1.26 41.73 6.68
C HIS C 164 -1.31 40.21 6.51
N PHE C 165 -2.50 39.63 6.72
CA PHE C 165 -2.67 38.19 6.62
C PHE C 165 -2.55 37.72 5.17
N LYS C 166 -3.17 38.47 4.26
CA LYS C 166 -3.09 38.18 2.83
C LYS C 166 -1.63 38.21 2.36
N GLN C 167 -0.90 39.23 2.80
CA GLN C 167 0.51 39.39 2.44
C GLN C 167 1.38 38.23 2.90
N ARG C 168 1.06 37.67 4.07
CA ARG C 168 1.88 36.61 4.64
C ARG C 168 1.59 35.28 3.96
N ILE C 169 0.31 35.01 3.71
CA ILE C 169 -0.11 33.81 3.01
C ILE C 169 0.46 33.75 1.59
N THR C 170 0.39 34.88 0.88
CA THR C 170 0.94 34.97 -0.48
C THR C 170 2.41 34.59 -0.49
N ALA C 171 3.17 35.15 0.46
CA ALA C 171 4.59 34.88 0.56
C ALA C 171 4.85 33.41 0.90
N ASP C 172 3.99 32.85 1.74
CA ASP C 172 4.11 31.46 2.15
C ASP C 172 3.84 30.52 0.98
N LEU C 173 2.80 30.84 0.20
CA LEU C 173 2.46 30.05 -0.98
C LEU C 173 3.61 30.05 -1.98
N LEU C 174 4.20 31.22 -2.21
CA LEU C 174 5.30 31.37 -3.15
C LEU C 174 6.55 30.63 -2.67
N SER C 175 6.89 30.78 -1.40
CA SER C 175 8.10 30.19 -0.85
C SER C 175 8.02 28.66 -0.80
N ASN C 176 6.81 28.13 -0.66
CA ASN C 176 6.61 26.69 -0.61
C ASN C 176 6.34 26.09 -1.99
N GLY C 177 6.36 26.93 -3.01
CA GLY C 177 6.16 26.48 -4.38
C GLY C 177 4.78 25.90 -4.63
N ILE C 178 3.80 26.38 -3.86
CA ILE C 178 2.42 25.92 -4.02
C ILE C 178 1.75 26.64 -5.19
N ASP C 179 1.57 25.92 -6.30
CA ASP C 179 0.97 26.49 -7.49
C ASP C 179 -0.55 26.50 -7.41
N VAL C 180 -1.12 27.68 -7.22
CA VAL C 180 -2.57 27.83 -7.14
C VAL C 180 -3.12 28.40 -8.44
N TYR C 181 -4.41 28.18 -8.69
CA TYR C 181 -5.05 28.77 -9.86
C TYR C 181 -5.24 30.26 -9.63
N PRO C 182 -4.94 31.07 -10.64
CA PRO C 182 -4.39 30.64 -11.93
C PRO C 182 -2.86 30.56 -11.92
N GLN C 183 -2.34 29.38 -12.24
CA GLN C 183 -0.90 29.17 -12.29
C GLN C 183 -0.27 30.10 -13.33
N LYS C 184 0.82 30.76 -12.93
CA LYS C 184 1.49 31.72 -13.80
C LYS C 184 2.05 31.05 -15.05
N GLU C 185 2.38 29.77 -14.94
CA GLU C 185 2.95 29.03 -16.06
C GLU C 185 1.93 28.75 -17.16
N PHE C 186 0.69 29.14 -16.95
CA PHE C 186 -0.37 28.88 -17.92
C PHE C 186 -0.94 30.17 -18.51
N ASP C 187 -0.26 31.29 -18.28
CA ASP C 187 -0.70 32.56 -18.85
C ASP C 187 -0.25 32.64 -20.32
N GLU C 188 -1.22 32.88 -21.20
CA GLU C 188 -0.96 32.88 -22.64
C GLU C 188 -0.29 34.18 -23.12
N ASP C 189 -1.07 35.25 -23.19
CA ASP C 189 -0.57 36.53 -23.67
C ASP C 189 -0.71 37.64 -22.62
N SER C 190 -0.53 38.88 -23.06
CA SER C 190 -0.56 40.02 -22.16
C SER C 190 -1.96 40.28 -21.61
N GLU C 191 -2.97 40.03 -22.44
CA GLU C 191 -4.36 40.24 -22.04
C GLU C 191 -4.83 39.13 -21.11
N ASP C 192 -4.31 37.92 -21.32
CA ASP C 192 -4.62 36.79 -20.46
C ASP C 192 -3.93 36.95 -19.11
N ARG C 193 -2.76 37.55 -19.13
CA ARG C 193 -1.98 37.74 -17.91
C ARG C 193 -2.60 38.79 -16.98
N LEU C 194 -3.14 39.86 -17.55
CA LEU C 194 -3.71 40.94 -16.77
C LEU C 194 -4.92 40.50 -15.95
N VAL C 195 -5.85 39.78 -16.58
CA VAL C 195 -7.03 39.30 -15.89
C VAL C 195 -6.67 38.24 -14.85
N ASN C 196 -5.61 37.48 -15.13
CA ASN C 196 -5.13 36.47 -14.20
C ASN C 196 -4.45 37.09 -12.99
N GLU C 197 -3.76 38.21 -13.21
CA GLU C 197 -3.14 38.95 -12.12
C GLU C 197 -4.19 39.44 -11.15
N LYS C 198 -5.31 39.93 -11.68
CA LYS C 198 -6.41 40.43 -10.87
C LYS C 198 -7.00 39.34 -9.99
N PHE C 199 -6.88 38.09 -10.42
CA PHE C 199 -7.34 36.97 -9.62
C PHE C 199 -6.33 36.67 -8.52
N ARG C 200 -5.05 36.62 -8.90
CA ARG C 200 -3.98 36.28 -7.96
C ARG C 200 -3.82 37.33 -6.86
N GLU C 201 -4.15 38.58 -7.18
CA GLU C 201 -4.03 39.67 -6.21
C GLU C 201 -5.05 39.53 -5.08
N MET C 202 -6.11 38.78 -5.34
CA MET C 202 -7.17 38.60 -4.36
C MET C 202 -6.90 37.39 -3.47
N ILE C 203 -6.11 36.45 -3.98
CA ILE C 203 -5.74 35.25 -3.23
C ILE C 203 -4.87 35.62 -2.03
N PRO C 204 -5.23 35.14 -0.83
CA PRO C 204 -6.39 34.29 -0.55
C PRO C 204 -7.68 35.09 -0.38
N PHE C 205 -8.74 34.68 -1.07
CA PHE C 205 -10.03 35.37 -1.04
C PHE C 205 -10.59 35.43 0.38
N ALA C 206 -11.02 36.61 0.78
CA ALA C 206 -11.61 36.79 2.11
C ALA C 206 -13.11 36.53 2.06
N VAL C 207 -13.50 35.31 2.42
CA VAL C 207 -14.90 34.91 2.33
C VAL C 207 -15.58 34.93 3.69
N VAL C 208 -16.90 35.06 3.68
CA VAL C 208 -17.70 35.07 4.90
C VAL C 208 -19.00 34.28 4.72
N GLY C 209 -19.22 33.29 5.59
CA GLY C 209 -20.44 32.51 5.55
C GLY C 209 -21.62 33.35 6.03
N SER C 210 -22.83 33.00 5.57
CA SER C 210 -24.01 33.77 5.91
C SER C 210 -24.71 33.20 7.14
N VAL C 233 -22.57 39.72 2.78
CA VAL C 233 -21.72 38.73 2.10
C VAL C 233 -21.67 39.01 0.61
N GLU C 234 -22.77 39.54 0.06
CA GLU C 234 -22.84 39.84 -1.36
C GLU C 234 -22.22 41.20 -1.65
N ASN C 235 -21.76 41.86 -0.59
CA ASN C 235 -21.11 43.16 -0.71
C ASN C 235 -19.62 43.02 -1.00
N THR C 236 -19.12 43.82 -1.93
CA THR C 236 -17.73 43.75 -2.34
C THR C 236 -16.81 44.40 -1.30
N THR C 237 -17.40 45.21 -0.42
CA THR C 237 -16.64 45.92 0.60
C THR C 237 -16.58 45.15 1.91
N HIS C 238 -17.64 44.41 2.21
CA HIS C 238 -17.69 43.63 3.44
C HIS C 238 -16.81 42.38 3.37
N CYS C 239 -17.00 41.59 2.32
CA CYS C 239 -16.14 40.44 2.07
C CYS C 239 -15.89 40.26 0.58
N GLU C 240 -15.19 39.20 0.21
CA GLU C 240 -14.79 39.00 -1.17
C GLU C 240 -15.40 37.75 -1.81
N PHE C 241 -16.47 37.23 -1.23
CA PHE C 241 -17.10 36.01 -1.74
C PHE C 241 -17.85 36.25 -3.05
N ALA C 242 -18.51 37.40 -3.16
CA ALA C 242 -19.26 37.74 -4.36
C ALA C 242 -18.36 37.79 -5.60
N TYR C 243 -17.18 38.39 -5.43
CA TYR C 243 -16.20 38.45 -6.52
C TYR C 243 -15.70 37.05 -6.86
N LEU C 244 -15.39 36.28 -5.82
CA LEU C 244 -14.89 34.92 -6.00
C LEU C 244 -15.89 34.05 -6.76
N ARG C 245 -17.17 34.18 -6.41
CA ARG C 245 -18.24 33.43 -7.05
C ARG C 245 -18.30 33.72 -8.56
N ASP C 246 -18.37 35.00 -8.90
CA ASP C 246 -18.45 35.42 -10.30
C ASP C 246 -17.22 34.99 -11.09
N LEU C 247 -16.06 35.10 -10.47
CA LEU C 247 -14.81 34.71 -11.12
C LEU C 247 -14.80 33.21 -11.44
N LEU C 248 -15.23 32.39 -10.49
CA LEU C 248 -15.21 30.94 -10.67
C LEU C 248 -16.30 30.44 -11.61
N ILE C 249 -17.46 31.09 -11.58
CA ILE C 249 -18.61 30.63 -12.36
C ILE C 249 -18.66 31.24 -13.76
N ARG C 250 -18.34 32.52 -13.86
CA ARG C 250 -18.43 33.23 -15.13
C ARG C 250 -17.07 33.40 -15.81
N THR C 251 -16.21 34.21 -15.21
CA THR C 251 -14.95 34.61 -15.85
C THR C 251 -13.95 33.47 -16.05
N HIS C 252 -13.64 32.74 -14.98
CA HIS C 252 -12.57 31.76 -15.02
C HIS C 252 -13.04 30.31 -15.18
N MET C 253 -14.34 30.13 -15.37
CA MET C 253 -14.93 28.79 -15.38
C MET C 253 -14.33 27.87 -16.44
N GLN C 254 -14.35 28.32 -17.68
CA GLN C 254 -13.88 27.48 -18.79
C GLN C 254 -12.38 27.27 -18.76
N ASN C 255 -11.64 28.27 -18.30
CA ASN C 255 -10.18 28.14 -18.20
C ASN C 255 -9.77 27.13 -17.14
N ILE C 256 -10.53 27.08 -16.04
CA ILE C 256 -10.28 26.12 -14.99
C ILE C 256 -10.43 24.69 -15.49
N LYS C 257 -11.54 24.42 -16.17
CA LYS C 257 -11.77 23.08 -16.72
C LYS C 257 -10.72 22.72 -17.78
N ASP C 258 -10.31 23.71 -18.56
CA ASP C 258 -9.30 23.47 -19.60
C ASP C 258 -7.98 23.04 -18.97
N ILE C 259 -7.64 23.63 -17.84
CA ILE C 259 -6.41 23.26 -17.13
C ILE C 259 -6.60 21.94 -16.39
N THR C 260 -7.81 21.70 -15.89
CA THR C 260 -8.11 20.45 -15.19
C THR C 260 -7.96 19.24 -16.10
N SER C 261 -8.40 19.36 -17.34
CA SER C 261 -8.35 18.28 -18.30
C SER C 261 -6.95 18.10 -18.89
N SER C 262 -6.45 19.17 -19.51
CA SER C 262 -5.20 19.11 -20.26
C SER C 262 -3.96 18.97 -19.39
N ILE C 263 -4.03 19.41 -18.13
CA ILE C 263 -2.87 19.38 -17.26
C ILE C 263 -2.99 18.38 -16.12
N HIS C 264 -3.96 18.59 -15.23
CA HIS C 264 -4.11 17.76 -14.05
C HIS C 264 -4.58 16.34 -14.37
N PHE C 265 -5.53 16.22 -15.29
CA PHE C 265 -6.08 14.92 -15.65
C PHE C 265 -5.11 14.11 -16.49
N GLU C 266 -4.35 14.78 -17.34
CA GLU C 266 -3.35 14.11 -18.18
C GLU C 266 -2.23 13.56 -17.31
N ALA C 267 -1.96 14.25 -16.21
CA ALA C 267 -0.99 13.78 -15.22
C ALA C 267 -1.45 12.46 -14.62
N TYR C 268 -2.76 12.33 -14.45
CA TYR C 268 -3.34 11.09 -13.95
C TYR C 268 -3.26 9.99 -15.00
N ARG C 269 -3.53 10.37 -16.26
CA ARG C 269 -3.50 9.41 -17.37
C ARG C 269 -2.15 8.76 -17.57
N VAL C 270 -1.10 9.57 -17.56
CA VAL C 270 0.26 9.08 -17.80
C VAL C 270 0.74 8.18 -16.66
N LYS C 271 0.31 8.48 -15.44
CA LYS C 271 0.68 7.67 -14.29
C LYS C 271 0.09 6.27 -14.40
N ARG C 272 -1.18 6.20 -14.75
CA ARG C 272 -1.90 4.93 -14.83
C ARG C 272 -1.57 4.11 -16.08
N LEU C 273 -0.93 4.74 -17.06
CA LEU C 273 -0.67 4.07 -18.33
C LEU C 273 0.80 4.02 -18.72
N ASN C 274 1.55 5.06 -18.35
CA ASN C 274 2.98 5.16 -18.67
C ASN C 274 3.24 5.16 -20.18
N LYS D 2 -1.06 43.68 53.94
CA LYS D 2 -0.53 43.80 52.59
C LYS D 2 0.68 42.89 52.38
N GLN D 3 0.41 41.66 51.97
CA GLN D 3 1.48 40.69 51.75
C GLN D 3 1.47 40.20 50.31
N GLY D 4 2.63 39.77 49.82
CA GLY D 4 2.77 39.34 48.44
C GLY D 4 2.38 37.89 48.23
N PHE D 5 1.29 37.68 47.48
CA PHE D 5 0.84 36.33 47.17
C PHE D 5 1.01 36.01 45.68
N GLU D 6 1.67 34.90 45.40
CA GLU D 6 1.96 34.49 44.03
C GLU D 6 0.79 33.75 43.39
N PHE D 7 0.63 33.92 42.09
CA PHE D 7 -0.42 33.24 41.33
C PHE D 7 -0.02 33.08 39.87
N ASN D 8 -0.13 31.86 39.36
CA ASN D 8 0.33 31.55 38.02
C ASN D 8 -0.78 31.07 37.08
N ILE D 9 -0.98 31.79 35.98
CA ILE D 9 -1.96 31.41 34.97
C ILE D 9 -1.27 31.06 33.66
N MET D 10 -1.60 29.90 33.11
CA MET D 10 -1.03 29.47 31.84
C MET D 10 -2.09 29.41 30.75
N VAL D 11 -1.82 30.05 29.62
CA VAL D 11 -2.73 29.98 28.48
C VAL D 11 -2.31 28.87 27.51
N VAL D 12 -3.28 28.06 27.13
CA VAL D 12 -3.03 26.92 26.25
C VAL D 12 -4.14 26.83 25.21
N GLY D 13 -3.76 26.51 23.97
CA GLY D 13 -4.74 26.39 22.90
C GLY D 13 -4.09 26.33 21.54
N GLN D 14 -4.90 26.14 20.50
CA GLN D 14 -4.40 26.06 19.13
C GLN D 14 -3.87 27.41 18.64
N SER D 15 -3.14 27.37 17.54
CA SER D 15 -2.49 28.55 16.98
C SER D 15 -3.47 29.61 16.48
N GLY D 16 -3.28 30.84 16.94
CA GLY D 16 -4.06 31.97 16.45
C GLY D 16 -5.43 32.12 17.06
N LEU D 17 -5.59 31.64 18.30
CA LEU D 17 -6.87 31.72 18.99
C LEU D 17 -7.00 32.96 19.87
N GLY D 18 -5.97 33.81 19.87
CA GLY D 18 -6.00 35.05 20.63
C GLY D 18 -5.47 34.87 22.03
N LYS D 19 -4.58 33.90 22.20
CA LYS D 19 -3.99 33.61 23.50
C LYS D 19 -3.11 34.75 23.99
N SER D 20 -2.18 35.19 23.15
CA SER D 20 -1.29 36.29 23.49
C SER D 20 -2.06 37.60 23.65
N THR D 21 -3.08 37.78 22.82
CA THR D 21 -3.91 38.98 22.85
C THR D 21 -4.66 39.10 24.18
N LEU D 22 -5.00 37.97 24.77
CA LEU D 22 -5.74 37.97 26.03
C LEU D 22 -4.83 38.30 27.20
N ILE D 23 -3.55 37.97 27.09
CA ILE D 23 -2.59 38.18 28.17
C ILE D 23 -2.34 39.66 28.51
N ASN D 24 -1.97 40.44 27.50
CA ASN D 24 -1.74 41.86 27.72
C ASN D 24 -3.07 42.55 28.05
N THR D 25 -4.16 41.97 27.57
CA THR D 25 -5.50 42.42 27.91
C THR D 25 -5.74 42.22 29.40
N LEU D 26 -5.34 41.05 29.89
CA LEU D 26 -5.51 40.69 31.29
C LEU D 26 -4.69 41.61 32.21
N PHE D 27 -3.49 41.96 31.76
CA PHE D 27 -2.59 42.80 32.54
C PHE D 27 -3.01 44.28 32.50
N LYS D 28 -3.58 44.70 31.38
CA LYS D 28 -4.01 46.08 31.21
C LYS D 28 -5.38 46.30 31.85
N ARG D 43 1.17 44.43 15.53
CA ARG D 43 1.02 42.98 15.39
C ARG D 43 1.72 42.23 16.52
N ILE D 44 0.96 41.42 17.25
CA ILE D 44 1.55 40.53 18.23
C ILE D 44 2.16 39.36 17.47
N PRO D 45 3.48 39.16 17.60
CA PRO D 45 4.20 38.14 16.84
C PRO D 45 3.78 36.71 17.17
N LYS D 46 4.20 35.77 16.31
CA LYS D 46 3.93 34.36 16.49
C LYS D 46 4.72 33.82 17.67
N THR D 47 4.01 33.17 18.61
CA THR D 47 4.65 32.65 19.82
C THR D 47 5.42 31.37 19.53
N ILE D 48 6.75 31.46 19.57
CA ILE D 48 7.60 30.33 19.22
C ILE D 48 8.16 29.63 20.45
N GLU D 49 8.26 30.34 21.56
CA GLU D 49 8.79 29.76 22.80
C GLU D 49 7.89 30.04 23.99
N ILE D 50 7.94 29.17 24.99
CA ILE D 50 7.21 29.39 26.23
C ILE D 50 7.81 30.55 27.01
N LYS D 51 7.01 31.57 27.26
CA LYS D 51 7.49 32.78 27.92
C LYS D 51 6.66 33.14 29.15
N SER D 52 7.34 33.36 30.27
CA SER D 52 6.69 33.80 31.49
C SER D 52 6.67 35.32 31.60
N ILE D 53 5.52 35.88 31.96
CA ILE D 53 5.38 37.32 32.13
C ILE D 53 4.86 37.63 33.53
N THR D 54 5.60 38.43 34.28
CA THR D 54 5.28 38.69 35.69
C THR D 54 5.03 40.17 35.95
N HIS D 55 3.95 40.46 36.67
CA HIS D 55 3.62 41.82 37.06
C HIS D 55 2.99 41.87 38.45
N ASP D 56 3.41 42.86 39.25
CA ASP D 56 2.84 43.05 40.59
C ASP D 56 1.59 43.91 40.54
N ILE D 57 0.49 43.38 41.09
CA ILE D 57 -0.79 44.08 41.09
C ILE D 57 -1.31 44.21 42.52
N GLU D 58 -1.85 45.39 42.84
CA GLU D 58 -2.38 45.66 44.17
C GLU D 58 -3.91 45.67 44.17
N VAL D 62 -4.04 43.92 49.12
CA VAL D 62 -3.00 42.91 49.17
C VAL D 62 -2.25 42.81 47.84
N ARG D 63 -0.94 42.59 47.93
CA ARG D 63 -0.11 42.47 46.73
C ARG D 63 -0.18 41.08 46.11
N MET D 64 -0.34 41.02 44.80
CA MET D 64 -0.34 39.75 44.10
C MET D 64 0.72 39.77 43.02
N LYS D 65 1.48 38.68 42.93
CA LYS D 65 2.52 38.55 41.91
C LYS D 65 2.01 37.72 40.74
N LEU D 66 1.20 38.34 39.90
CA LEU D 66 0.57 37.63 38.80
C LEU D 66 1.58 37.27 37.72
N THR D 67 1.67 35.98 37.41
CA THR D 67 2.52 35.50 36.32
C THR D 67 1.70 34.78 35.27
N VAL D 68 1.79 35.24 34.03
CA VAL D 68 1.09 34.59 32.94
C VAL D 68 2.10 33.92 32.00
N ILE D 69 1.93 32.62 31.80
CA ILE D 69 2.85 31.85 30.98
C ILE D 69 2.27 31.60 29.60
N ASP D 70 2.84 32.24 28.58
CA ASP D 70 2.37 32.09 27.22
C ASP D 70 2.98 30.85 26.56
N THR D 71 2.18 30.16 25.77
CA THR D 71 2.62 28.94 25.11
C THR D 71 2.38 28.98 23.61
N PRO D 72 3.27 28.35 22.83
CA PRO D 72 3.08 28.22 21.38
C PRO D 72 1.89 27.36 21.04
N GLY D 73 1.10 27.77 20.05
CA GLY D 73 -0.09 27.03 19.65
C GLY D 73 0.23 25.65 19.10
N PHE D 74 -0.72 24.73 19.28
CA PHE D 74 -0.57 23.38 18.75
C PHE D 74 -1.65 23.10 17.70
N GLY D 75 -1.68 21.86 17.21
CA GLY D 75 -2.66 21.47 16.22
C GLY D 75 -2.32 21.98 14.83
N ASP D 76 -1.11 22.48 14.67
CA ASP D 76 -0.66 23.06 13.42
C ASP D 76 0.10 22.06 12.55
N HIS D 77 0.59 20.99 13.16
CA HIS D 77 1.39 20.00 12.45
C HIS D 77 0.58 18.78 12.04
N ILE D 78 1.26 17.82 11.43
CA ILE D 78 0.62 16.56 11.04
C ILE D 78 0.61 15.60 12.24
N ASN D 79 1.60 15.73 13.10
CA ASN D 79 1.65 14.98 14.35
C ASN D 79 1.78 15.96 15.52
N ASN D 80 0.89 15.83 16.51
CA ASN D 80 0.79 16.85 17.55
C ASN D 80 1.15 16.37 18.95
N GLU D 81 1.68 15.16 19.06
CA GLU D 81 2.20 14.68 20.33
C GLU D 81 3.44 15.49 20.72
N ASN D 82 4.20 15.88 19.69
CA ASN D 82 5.40 16.68 19.88
C ASN D 82 5.08 18.13 20.25
N CYS D 83 3.80 18.47 20.28
CA CYS D 83 3.35 19.79 20.69
C CYS D 83 2.77 19.73 22.10
N TRP D 84 2.19 18.58 22.44
CA TRP D 84 1.61 18.38 23.76
C TRP D 84 2.66 18.05 24.81
N GLN D 85 3.88 17.76 24.35
CA GLN D 85 4.96 17.36 25.25
C GLN D 85 5.69 18.54 25.94
N PRO D 86 6.04 19.61 25.19
CA PRO D 86 6.76 20.69 25.86
C PRO D 86 5.97 21.38 26.98
N ILE D 87 4.65 21.38 26.86
CA ILE D 87 3.81 22.02 27.87
C ILE D 87 3.70 21.16 29.12
N MET D 88 3.58 19.85 28.92
CA MET D 88 3.56 18.90 30.03
C MET D 88 4.91 18.92 30.76
N LYS D 89 5.97 19.16 30.01
CA LYS D 89 7.31 19.21 30.57
C LYS D 89 7.48 20.45 31.45
N PHE D 90 6.95 21.57 30.98
CA PHE D 90 7.00 22.82 31.75
C PHE D 90 6.26 22.66 33.07
N ILE D 91 5.10 22.01 33.00
CA ILE D 91 4.28 21.77 34.19
C ILE D 91 5.05 20.98 35.25
N ASN D 92 5.63 19.85 34.82
CA ASN D 92 6.37 18.99 35.74
C ASN D 92 7.67 19.63 36.25
N ASP D 93 8.25 20.50 35.44
CA ASP D 93 9.48 21.20 35.84
C ASP D 93 9.22 22.17 36.98
N GLN D 94 8.05 22.80 36.98
CA GLN D 94 7.67 23.69 38.08
C GLN D 94 7.36 22.89 39.34
N TYR D 95 6.71 21.74 39.17
CA TYR D 95 6.45 20.84 40.29
C TYR D 95 7.75 20.24 40.81
N GLU D 96 8.74 20.14 39.94
CA GLU D 96 10.05 19.60 40.32
C GLU D 96 10.88 20.65 41.04
N LYS D 97 10.83 21.88 40.54
CA LYS D 97 11.57 22.99 41.14
C LYS D 97 11.10 23.26 42.56
N TYR D 98 9.82 23.03 42.81
CA TYR D 98 9.25 23.23 44.14
C TYR D 98 9.61 22.06 45.06
N LEU D 99 9.73 20.88 44.46
CA LEU D 99 10.03 19.67 45.23
C LEU D 99 11.51 19.55 45.58
N GLN D 100 12.37 20.09 44.71
CA GLN D 100 13.81 20.04 44.94
C GLN D 100 14.20 21.07 46.00
N GLU D 101 13.29 22.00 46.26
CA GLU D 101 13.49 23.01 47.28
C GLU D 101 12.85 22.59 48.59
N GLU D 102 11.92 21.64 48.52
CA GLU D 102 11.25 21.12 49.71
C GLU D 102 12.10 20.08 50.43
N VAL D 103 12.62 19.13 49.68
CA VAL D 103 13.41 18.04 50.25
C VAL D 103 14.70 18.56 50.89
N ASN D 104 15.19 19.69 50.40
CA ASN D 104 16.40 20.30 50.93
C ASN D 104 16.16 20.86 52.32
N ILE D 105 16.96 20.41 53.29
CA ILE D 105 16.81 20.86 54.67
C ILE D 105 17.63 22.11 54.93
N ASN D 106 18.72 22.27 54.20
CA ASN D 106 19.57 23.45 54.36
C ASN D 106 18.87 24.74 53.95
N ARG D 107 17.78 24.61 53.19
CA ARG D 107 17.05 25.79 52.74
C ARG D 107 16.38 26.47 53.93
N LYS D 108 16.83 27.68 54.24
CA LYS D 108 16.27 28.44 55.35
C LYS D 108 15.18 29.41 54.90
N LYS D 109 15.00 29.54 53.59
CA LYS D 109 14.13 30.57 53.03
C LYS D 109 12.82 30.00 52.50
N ARG D 110 11.83 30.88 52.34
CA ARG D 110 10.54 30.48 51.79
C ARG D 110 10.69 30.12 50.31
N ILE D 111 9.86 29.19 49.86
CA ILE D 111 9.93 28.71 48.48
C ILE D 111 9.11 29.57 47.52
N PRO D 112 9.75 30.02 46.43
CA PRO D 112 9.02 30.78 45.40
C PRO D 112 8.14 29.84 44.57
N ASP D 113 6.86 30.16 44.47
CA ASP D 113 5.90 29.28 43.81
C ASP D 113 5.82 29.58 42.32
N THR D 114 6.43 28.71 41.52
CA THR D 114 6.42 28.86 40.08
C THR D 114 5.50 27.81 39.44
N ARG D 115 4.84 27.03 40.30
CA ARG D 115 3.92 26.01 39.83
C ARG D 115 2.71 26.66 39.15
N VAL D 116 2.23 26.04 38.07
CA VAL D 116 1.03 26.51 37.41
C VAL D 116 -0.19 26.15 38.24
N HIS D 117 -0.84 27.15 38.82
CA HIS D 117 -2.03 26.92 39.64
C HIS D 117 -3.25 26.73 38.75
N CYS D 118 -3.38 27.61 37.76
CA CYS D 118 -4.55 27.63 36.88
C CYS D 118 -4.11 27.65 35.43
N CYS D 119 -4.86 26.96 34.57
CA CYS D 119 -4.52 26.88 33.15
C CYS D 119 -5.73 27.11 32.25
N LEU D 120 -5.77 28.25 31.58
CA LEU D 120 -6.82 28.53 30.61
C LEU D 120 -6.61 27.71 29.34
N TYR D 121 -7.65 27.00 28.92
CA TYR D 121 -7.59 26.24 27.68
C TYR D 121 -8.48 26.88 26.62
N PHE D 122 -7.89 27.26 25.50
CA PHE D 122 -8.62 27.97 24.46
C PHE D 122 -9.26 27.00 23.47
N ILE D 123 -10.60 27.05 23.40
CA ILE D 123 -11.35 26.20 22.48
C ILE D 123 -11.76 26.99 21.25
N PRO D 124 -11.37 26.50 20.06
CA PRO D 124 -11.73 27.16 18.80
C PRO D 124 -13.23 27.11 18.53
N ALA D 125 -13.80 28.25 18.15
CA ALA D 125 -15.23 28.35 17.92
C ALA D 125 -15.64 27.69 16.61
N THR D 126 -15.56 26.36 16.58
CA THR D 126 -15.95 25.60 15.39
C THR D 126 -17.47 25.52 15.30
N GLY D 127 -18.14 25.68 16.44
CA GLY D 127 -19.59 25.61 16.49
C GLY D 127 -20.09 24.17 16.51
N HIS D 128 -19.17 23.23 16.70
CA HIS D 128 -19.51 21.82 16.78
C HIS D 128 -18.87 21.16 17.99
N SER D 129 -18.96 19.83 18.06
CA SER D 129 -18.38 19.07 19.15
C SER D 129 -16.87 19.25 19.21
N LEU D 130 -16.31 19.01 20.39
CA LEU D 130 -14.86 19.10 20.58
C LEU D 130 -14.12 18.10 19.69
N ARG D 131 -13.02 18.55 19.13
CA ARG D 131 -12.17 17.70 18.28
C ARG D 131 -11.33 16.78 19.15
N PRO D 132 -11.03 15.57 18.65
CA PRO D 132 -10.22 14.58 19.36
C PRO D 132 -8.92 15.16 19.93
N LEU D 133 -8.39 16.20 19.29
CA LEU D 133 -7.17 16.85 19.76
C LEU D 133 -7.36 17.53 21.10
N ASP D 134 -8.35 18.42 21.18
CA ASP D 134 -8.60 19.17 22.41
C ASP D 134 -9.06 18.24 23.54
N ILE D 135 -9.80 17.20 23.18
CA ILE D 135 -10.27 16.22 24.15
C ILE D 135 -9.11 15.51 24.84
N GLU D 136 -8.20 14.98 24.04
CA GLU D 136 -7.03 14.27 24.56
C GLU D 136 -6.10 15.21 25.31
N PHE D 137 -5.98 16.43 24.82
CA PHE D 137 -5.10 17.42 25.42
C PHE D 137 -5.61 17.85 26.80
N MET D 138 -6.90 18.15 26.88
CA MET D 138 -7.51 18.57 28.14
C MET D 138 -7.56 17.44 29.16
N LYS D 139 -7.68 16.22 28.68
CA LYS D 139 -7.73 15.06 29.57
C LYS D 139 -6.39 14.87 30.27
N ARG D 140 -5.31 15.13 29.54
CA ARG D 140 -3.96 15.07 30.11
C ARG D 140 -3.70 16.22 31.08
N LEU D 141 -4.07 17.43 30.68
CA LEU D 141 -3.81 18.62 31.50
C LEU D 141 -4.59 18.62 32.81
N SER D 142 -5.86 18.20 32.74
CA SER D 142 -6.73 18.20 33.92
C SER D 142 -6.21 17.26 35.00
N LYS D 143 -5.42 16.27 34.59
CA LYS D 143 -4.87 15.29 35.51
C LYS D 143 -3.66 15.82 36.27
N VAL D 144 -3.13 16.97 35.85
CA VAL D 144 -1.91 17.52 36.45
C VAL D 144 -2.03 19.00 36.80
N VAL D 145 -3.15 19.63 36.44
CA VAL D 145 -3.34 21.05 36.68
C VAL D 145 -4.81 21.44 36.60
N ASN D 146 -5.16 22.57 37.21
CA ASN D 146 -6.52 23.09 37.16
C ASN D 146 -6.82 23.74 35.81
N ILE D 147 -7.83 23.20 35.12
CA ILE D 147 -8.20 23.67 33.80
C ILE D 147 -9.46 24.53 33.78
N VAL D 148 -9.40 25.64 33.06
CA VAL D 148 -10.59 26.46 32.79
C VAL D 148 -10.76 26.65 31.29
N PRO D 149 -11.69 25.91 30.67
CA PRO D 149 -11.93 25.99 29.23
C PRO D 149 -12.56 27.32 28.82
N VAL D 150 -12.10 27.89 27.71
CA VAL D 150 -12.62 29.16 27.23
C VAL D 150 -12.91 29.12 25.73
N ILE D 151 -13.95 29.82 25.31
CA ILE D 151 -14.29 29.93 23.90
C ILE D 151 -13.47 31.03 23.23
N ALA D 152 -12.43 30.65 22.51
CA ALA D 152 -11.56 31.60 21.83
C ALA D 152 -12.32 32.37 20.76
N LYS D 153 -12.10 33.70 20.72
CA LYS D 153 -12.74 34.58 19.76
C LYS D 153 -14.25 34.40 19.75
N ALA D 154 -14.89 34.70 20.87
CA ALA D 154 -16.33 34.49 21.03
C ALA D 154 -17.15 35.47 20.19
N ASP D 155 -16.48 36.48 19.63
CA ASP D 155 -17.16 37.44 18.75
C ASP D 155 -17.44 36.82 17.39
N THR D 156 -16.81 35.68 17.12
CA THR D 156 -17.04 34.93 15.90
C THR D 156 -18.47 34.40 15.85
N LEU D 157 -18.98 34.01 17.01
CA LEU D 157 -20.29 33.38 17.10
C LEU D 157 -21.39 34.38 17.45
N THR D 158 -22.62 34.05 17.08
CA THR D 158 -23.78 34.85 17.47
C THR D 158 -24.23 34.44 18.86
N LEU D 159 -25.22 35.14 19.40
CA LEU D 159 -25.75 34.83 20.73
C LEU D 159 -26.35 33.43 20.75
N GLU D 160 -27.11 33.09 19.71
CA GLU D 160 -27.72 31.78 19.58
C GLU D 160 -26.66 30.69 19.45
N GLU D 161 -25.66 30.94 18.62
CA GLU D 161 -24.58 29.98 18.38
C GLU D 161 -23.76 29.75 19.65
N ARG D 162 -23.58 30.82 20.42
CA ARG D 162 -22.79 30.75 21.66
C ARG D 162 -23.45 29.87 22.72
N VAL D 163 -24.76 29.97 22.84
CA VAL D 163 -25.50 29.18 23.82
C VAL D 163 -25.41 27.69 23.49
N HIS D 164 -25.59 27.36 22.21
CA HIS D 164 -25.48 25.99 21.76
C HIS D 164 -24.06 25.46 21.92
N PHE D 165 -23.09 26.35 21.70
CA PHE D 165 -21.69 25.95 21.77
C PHE D 165 -21.33 25.64 23.22
N LYS D 166 -21.77 26.49 24.13
CA LYS D 166 -21.57 26.24 25.56
C LYS D 166 -22.20 24.91 25.99
N GLN D 167 -23.42 24.69 25.55
CA GLN D 167 -24.15 23.46 25.88
C GLN D 167 -23.45 22.21 25.35
N ARG D 168 -22.86 22.31 24.17
CA ARG D 168 -22.23 21.15 23.53
C ARG D 168 -20.87 20.87 24.15
N ILE D 169 -20.10 21.93 24.38
CA ILE D 169 -18.80 21.81 25.04
C ILE D 169 -18.96 21.21 26.43
N THR D 170 -19.96 21.71 27.17
CA THR D 170 -20.27 21.20 28.51
C THR D 170 -20.52 19.69 28.48
N ALA D 171 -21.32 19.26 27.52
CA ALA D 171 -21.66 17.84 27.39
C ALA D 171 -20.43 16.99 27.05
N ASP D 172 -19.55 17.54 26.22
CA ASP D 172 -18.35 16.83 25.80
C ASP D 172 -17.39 16.66 26.97
N LEU D 173 -17.21 17.70 27.76
CA LEU D 173 -16.35 17.65 28.94
C LEU D 173 -16.84 16.56 29.88
N LEU D 174 -18.15 16.51 30.09
CA LEU D 174 -18.76 15.51 30.97
C LEU D 174 -18.60 14.10 30.43
N SER D 175 -18.88 13.91 29.15
CA SER D 175 -18.84 12.58 28.54
C SER D 175 -17.43 12.02 28.48
N ASN D 176 -16.43 12.90 28.34
CA ASN D 176 -15.04 12.48 28.30
C ASN D 176 -14.38 12.46 29.67
N GLY D 177 -15.16 12.78 30.69
CA GLY D 177 -14.66 12.76 32.06
C GLY D 177 -13.57 13.77 32.33
N ILE D 178 -13.58 14.87 31.58
CA ILE D 178 -12.59 15.93 31.76
C ILE D 178 -12.97 16.82 32.94
N ASP D 179 -12.23 16.66 34.04
CA ASP D 179 -12.51 17.41 35.26
C ASP D 179 -11.91 18.81 35.22
N VAL D 180 -12.77 19.82 35.11
CA VAL D 180 -12.33 21.21 35.07
C VAL D 180 -12.61 21.90 36.40
N TYR D 181 -11.87 22.98 36.68
CA TYR D 181 -12.12 23.76 37.90
C TYR D 181 -13.39 24.58 37.74
N PRO D 182 -14.23 24.61 38.78
CA PRO D 182 -14.02 23.89 40.04
C PRO D 182 -14.58 22.47 40.00
N GLN D 183 -13.70 21.50 40.25
CA GLN D 183 -14.11 20.10 40.25
C GLN D 183 -15.19 19.86 41.29
N LYS D 184 -16.26 19.18 40.89
CA LYS D 184 -17.38 18.92 41.78
C LYS D 184 -16.95 18.09 42.98
N GLU D 185 -15.93 17.26 42.79
CA GLU D 185 -15.44 16.37 43.83
C GLU D 185 -14.69 17.10 44.95
N PHE D 186 -14.52 18.42 44.80
CA PHE D 186 -13.79 19.20 45.79
C PHE D 186 -14.69 20.22 46.48
N ASP D 187 -16.00 20.08 46.31
CA ASP D 187 -16.95 20.95 46.97
C ASP D 187 -17.14 20.57 48.44
N GLU D 188 -16.95 21.54 49.32
CA GLU D 188 -17.01 21.29 50.76
C GLU D 188 -18.44 21.20 51.27
N ASP D 189 -19.11 22.34 51.37
CA ASP D 189 -20.47 22.39 51.87
C ASP D 189 -21.44 22.98 50.85
N SER D 190 -22.64 23.29 51.30
CA SER D 190 -23.69 23.80 50.42
C SER D 190 -23.38 25.22 49.94
N GLU D 191 -22.74 26.02 50.79
CA GLU D 191 -22.40 27.38 50.44
C GLU D 191 -21.21 27.43 49.49
N ASP D 192 -20.31 26.46 49.64
CA ASP D 192 -19.17 26.32 48.75
C ASP D 192 -19.62 25.83 47.38
N ARG D 193 -20.65 25.00 47.36
CA ARG D 193 -21.17 24.43 46.13
C ARG D 193 -21.91 25.48 45.30
N LEU D 194 -22.63 26.37 45.97
CA LEU D 194 -23.43 27.38 45.29
C LEU D 194 -22.60 28.35 44.44
N VAL D 195 -21.52 28.86 45.02
CA VAL D 195 -20.65 29.78 44.31
C VAL D 195 -19.89 29.07 43.18
N ASN D 196 -19.63 27.78 43.37
CA ASN D 196 -18.97 26.99 42.35
C ASN D 196 -19.88 26.73 41.15
N GLU D 197 -21.18 26.61 41.41
CA GLU D 197 -22.15 26.43 40.36
C GLU D 197 -22.17 27.62 39.41
N LYS D 198 -22.09 28.82 39.98
CA LYS D 198 -22.08 30.05 39.19
C LYS D 198 -20.86 30.12 38.27
N PHE D 199 -19.78 29.45 38.69
CA PHE D 199 -18.57 29.38 37.88
C PHE D 199 -18.73 28.36 36.75
N ARG D 200 -19.25 27.18 37.10
CA ARG D 200 -19.38 26.08 36.14
C ARG D 200 -20.39 26.40 35.04
N GLU D 201 -21.39 27.20 35.36
CA GLU D 201 -22.42 27.57 34.39
C GLU D 201 -21.86 28.48 33.30
N MET D 202 -20.73 29.11 33.58
CA MET D 202 -20.10 30.01 32.63
C MET D 202 -19.15 29.25 31.70
N ILE D 203 -18.68 28.10 32.17
CA ILE D 203 -17.79 27.25 31.39
C ILE D 203 -18.53 26.67 30.18
N PRO D 204 -17.95 26.80 28.98
CA PRO D 204 -16.67 27.48 28.70
C PRO D 204 -16.82 28.99 28.57
N PHE D 205 -15.98 29.73 29.28
CA PHE D 205 -16.04 31.19 29.27
C PHE D 205 -15.85 31.76 27.87
N ALA D 206 -16.74 32.66 27.49
CA ALA D 206 -16.68 33.32 26.19
C ALA D 206 -15.83 34.57 26.27
N VAL D 207 -14.56 34.47 25.89
CA VAL D 207 -13.64 35.59 26.00
C VAL D 207 -13.43 36.29 24.66
N VAL D 208 -13.04 37.56 24.73
CA VAL D 208 -12.76 38.36 23.55
C VAL D 208 -11.54 39.25 23.79
N GLY D 209 -10.54 39.14 22.92
CA GLY D 209 -9.35 39.95 23.01
C GLY D 209 -9.61 41.41 22.71
N CYS D 239 -16.08 39.87 26.30
CA CYS D 239 -17.46 39.44 26.55
C CYS D 239 -17.63 39.04 28.02
N GLU D 240 -17.12 37.87 28.37
CA GLU D 240 -17.25 37.35 29.72
C GLU D 240 -15.88 37.26 30.39
N PHE D 241 -14.92 37.97 29.81
CA PHE D 241 -13.55 37.95 30.30
C PHE D 241 -13.42 38.71 31.61
N ALA D 242 -14.16 39.79 31.74
CA ALA D 242 -14.15 40.61 32.96
C ALA D 242 -14.61 39.78 34.16
N TYR D 243 -15.66 38.99 33.96
CA TYR D 243 -16.16 38.10 35.00
C TYR D 243 -15.13 37.02 35.34
N LEU D 244 -14.55 36.42 34.30
CA LEU D 244 -13.55 35.36 34.47
C LEU D 244 -12.34 35.87 35.24
N ARG D 245 -11.90 37.07 34.92
CA ARG D 245 -10.74 37.69 35.57
C ARG D 245 -10.94 37.82 37.08
N ASP D 246 -12.05 38.43 37.48
CA ASP D 246 -12.36 38.63 38.88
C ASP D 246 -12.48 37.31 39.63
N LEU D 247 -13.06 36.31 38.97
CA LEU D 247 -13.23 34.99 39.59
C LEU D 247 -11.88 34.32 39.90
N LEU D 248 -10.95 34.37 38.96
CA LEU D 248 -9.65 33.72 39.15
C LEU D 248 -8.72 34.51 40.08
N ILE D 249 -8.81 35.83 40.03
CA ILE D 249 -7.90 36.68 40.79
C ILE D 249 -8.43 36.99 42.19
N ARG D 250 -9.73 37.25 42.28
CA ARG D 250 -10.33 37.63 43.56
C ARG D 250 -11.05 36.47 44.24
N THR D 251 -12.15 36.01 43.64
CA THR D 251 -13.04 35.05 44.28
C THR D 251 -12.43 33.66 44.48
N HIS D 252 -11.92 33.07 43.41
CA HIS D 252 -11.47 31.67 43.46
C HIS D 252 -9.96 31.50 43.59
N MET D 253 -9.23 32.59 43.77
CA MET D 253 -7.77 32.55 43.75
C MET D 253 -7.16 31.59 44.76
N GLN D 254 -7.49 31.77 46.03
CA GLN D 254 -6.90 30.95 47.09
C GLN D 254 -7.39 29.50 46.99
N ASN D 255 -8.63 29.34 46.54
CA ASN D 255 -9.20 28.00 46.38
C ASN D 255 -8.51 27.24 45.26
N ILE D 256 -8.16 27.96 44.18
CA ILE D 256 -7.42 27.36 43.08
C ILE D 256 -6.04 26.90 43.53
N LYS D 257 -5.35 27.77 44.26
CA LYS D 257 -4.01 27.46 44.76
C LYS D 257 -4.01 26.27 45.72
N ASP D 258 -5.04 26.19 46.56
CA ASP D 258 -5.16 25.11 47.54
C ASP D 258 -5.33 23.75 46.88
N ILE D 259 -6.06 23.71 45.78
CA ILE D 259 -6.28 22.47 45.05
C ILE D 259 -5.01 22.09 44.29
N THR D 260 -4.28 23.11 43.84
CA THR D 260 -3.01 22.89 43.14
C THR D 260 -1.99 22.22 44.06
N SER D 261 -1.98 22.65 45.32
CA SER D 261 -1.03 22.13 46.30
C SER D 261 -1.43 20.77 46.86
N SER D 262 -2.62 20.70 47.43
CA SER D 262 -3.05 19.51 48.16
C SER D 262 -3.38 18.33 47.25
N ILE D 263 -3.72 18.60 46.00
CA ILE D 263 -4.12 17.54 45.08
C ILE D 263 -3.12 17.29 43.96
N HIS D 264 -2.91 18.30 43.12
CA HIS D 264 -2.06 18.14 41.94
C HIS D 264 -0.59 18.00 42.28
N PHE D 265 -0.13 18.82 43.23
CA PHE D 265 1.28 18.79 43.63
C PHE D 265 1.60 17.56 44.47
N GLU D 266 0.65 17.14 45.29
CA GLU D 266 0.83 15.95 46.12
C GLU D 266 0.89 14.69 45.27
N ALA D 267 0.16 14.69 44.16
CA ALA D 267 0.18 13.58 43.22
C ALA D 267 1.55 13.43 42.54
N TYR D 268 2.18 14.56 42.23
CA TYR D 268 3.51 14.54 41.62
C TYR D 268 4.57 14.11 42.63
N ARG D 269 4.44 14.60 43.85
CA ARG D 269 5.38 14.31 44.92
C ARG D 269 5.44 12.83 45.24
N VAL D 270 4.27 12.20 45.34
CA VAL D 270 4.17 10.79 45.68
C VAL D 270 4.76 9.94 44.56
N LYS D 271 4.53 10.36 43.32
CA LYS D 271 5.07 9.67 42.16
C LYS D 271 6.60 9.78 42.13
N ARG D 272 7.10 10.99 42.35
CA ARG D 272 8.53 11.27 42.25
C ARG D 272 9.35 10.77 43.44
N LEU D 273 8.69 10.41 44.53
CA LEU D 273 9.42 9.99 45.73
C LEU D 273 9.04 8.60 46.23
N ASN D 274 7.77 8.21 46.08
CA ASN D 274 7.33 6.91 46.53
C ASN D 274 7.29 5.91 45.38
PG GSP E . 0.09 -30.52 -17.25
O3B GSP E . -0.41 -29.15 -16.81
S1G GSP E . 0.20 -32.00 -16.09
O2G GSP E . -0.86 -30.91 -18.48
O3G GSP E . 1.40 -30.25 -18.10
PB GSP E . -0.51 -28.08 -18.17
O1B GSP E . 0.89 -28.34 -18.61
O2B GSP E . -1.71 -28.70 -18.84
PA GSP E . -2.46 -26.51 -17.55
O1A GSP E . -2.69 -27.60 -16.56
O2A GSP E . -3.16 -26.46 -18.89
O3A GSP E . -0.87 -26.61 -17.78
O5' GSP E . -2.73 -25.12 -16.73
C5' GSP E . -2.13 -25.36 -15.49
C4' GSP E . -2.41 -24.13 -14.66
O4' GSP E . -1.68 -23.03 -15.25
C3' GSP E . -3.92 -23.77 -14.69
O3' GSP E . -4.32 -23.48 -13.39
C2' GSP E . -3.96 -22.52 -15.58
O2' GSP E . -4.88 -21.58 -15.13
C1' GSP E . -2.55 -21.93 -15.32
N9 GSP E . -2.12 -21.17 -16.48
C8 GSP E . -2.19 -21.58 -17.85
N7 GSP E . -1.70 -20.63 -18.67
C5 GSP E . -1.32 -19.60 -17.81
C6 GSP E . -0.75 -18.35 -18.19
O6 GSP E . -0.47 -17.94 -19.30
N1 GSP E . -0.48 -17.51 -17.07
C2 GSP E . -0.77 -17.93 -15.76
N2 GSP E . -0.47 -17.03 -14.75
N3 GSP E . -1.32 -19.10 -15.36
C4 GSP E . -1.57 -19.91 -16.47
MG MG F . -1.76 -30.56 -20.20
PG GSP G . 17.25 -20.24 -8.30
O3B GSP G . 16.31 -19.12 -8.76
S1G GSP G . 18.38 -21.18 -9.48
O2G GSP G . 16.28 -21.29 -7.56
O3G GSP G . 17.96 -19.67 -7.01
PB GSP G . 15.44 -18.49 -7.40
O1B GSP G . 14.78 -19.77 -6.95
O2B GSP G . 16.66 -17.93 -6.74
PA GSP G . 14.96 -16.04 -8.07
O1A GSP G . 16.22 -16.21 -8.88
O2A GSP G . 14.97 -15.46 -6.69
O3A GSP G . 14.30 -17.48 -7.78
O5' GSP G . 13.84 -15.17 -8.89
C5' GSP G . 13.91 -15.71 -10.15
C4' GSP G . 12.93 -14.89 -10.96
O4' GSP G . 11.66 -14.99 -10.28
C3' GSP G . 13.36 -13.39 -10.95
O3' GSP G . 13.36 -12.93 -12.26
C2' GSP G . 12.25 -12.72 -10.12
O2' GSP G . 11.85 -11.50 -10.67
C1' GSP G . 11.07 -13.71 -10.29
N9 GSP G . 10.22 -13.65 -9.13
C8 GSP G . 10.62 -13.66 -7.76
N7 GSP G . 9.56 -13.61 -6.93
C5 GSP G . 8.46 -13.56 -7.79
C6 GSP G . 7.09 -13.49 -7.41
O6 GSP G . 6.59 -13.45 -6.30
N1 GSP G . 6.21 -13.46 -8.54
C2 GSP G . 6.71 -13.49 -9.85
N2 GSP G . 5.77 -13.45 -10.86
N3 GSP G . 8.00 -13.55 -10.25
C4 GSP G . 8.84 -13.60 -9.15
MG MG H . 18.09 -18.98 -5.05
PG GSP I . -17.08 21.04 9.55
O3B GSP I . -17.62 22.38 10.07
S1G GSP I . -16.76 19.55 10.67
O2G GSP I . -18.11 20.62 8.40
O3G GSP I . -15.86 21.42 8.60
PB GSP I . -17.91 23.44 8.73
O1B GSP I . -16.53 23.43 8.14
O2B GSP I . -19.04 22.64 8.19
PA GSP I . -19.81 25.06 9.44
O1A GSP I . -20.04 23.98 10.44
O2A GSP I . -20.53 25.12 8.12
O3A GSP I . -18.23 24.92 9.17
O5' GSP I . -20.02 26.46 10.26
C5' GSP I . -19.66 26.12 11.54
C4' GSP I . -19.93 27.36 12.37
O4' GSP I . -19.21 28.44 11.76
C3' GSP I . -21.44 27.72 12.33
O3' GSP I . -21.86 28.00 13.64
C2' GSP I . -21.49 28.97 11.45
O2' GSP I . -22.39 29.91 11.93
C1' GSP I . -20.07 29.55 11.67
N9 GSP I . -19.65 30.27 10.49
C8 GSP I . -19.73 29.82 9.14
N7 GSP I . -19.25 30.75 8.29
C5 GSP I . -18.86 31.80 9.11
C6 GSP I . -18.28 33.03 8.69
O6 GSP I . -18.01 33.42 7.56
N1 GSP I . -17.99 33.89 9.78
C2 GSP I . -18.27 33.52 11.09
N2 GSP I . -17.95 34.45 12.07
N3 GSP I . -18.83 32.37 11.53
C4 GSP I . -19.10 31.53 10.46
MG MG J . -18.62 20.92 6.45
PG GSP K . -0.10 31.75 18.68
O3B GSP K . -1.13 32.79 18.22
S1G GSP K . 1.12 30.92 17.50
O2G GSP K . -0.97 30.63 19.42
O3G GSP K . 0.57 32.37 19.97
PB GSP K . -2.11 33.28 19.57
O1B GSP K . -2.58 31.89 19.89
O2B GSP K . -1.05 33.98 20.38
PA GSP K . -2.51 35.75 18.87
O1A GSP K . -1.09 35.36 18.64
O2A GSP K . -2.93 36.74 19.92
O3A GSP K . -3.21 34.33 19.18
O5' GSP K . -3.05 36.21 17.39
C5' GSP K . -4.40 36.41 17.60
C4' GSP K . -4.92 36.82 16.25
O4' GSP K . -6.36 36.79 16.32
C3' GSP K . -4.54 38.28 15.97
O3' GSP K . -4.72 38.52 14.61
C2' GSP K . -5.57 39.00 16.80
O2' GSP K . -5.87 40.26 16.29
C1' GSP K . -6.82 38.11 16.58
N9 GSP K . -7.62 38.06 17.78
C8 GSP K . -7.16 38.03 19.13
N7 GSP K . -8.20 37.99 20.00
C5 GSP K . -9.34 37.99 19.19
C6 GSP K . -10.69 37.96 19.62
O6 GSP K . -11.15 37.92 20.74
N1 GSP K . -11.60 37.97 18.52
C2 GSP K . -11.15 38.02 17.19
N2 GSP K . -12.12 38.03 16.22
N3 GSP K . -9.88 38.05 16.75
C4 GSP K . -8.99 38.04 17.82
MG MG L . 0.77 33.34 21.71
#